data_1Q40
#
_entry.id   1Q40
#
_cell.length_a   70.414
_cell.length_b   54.077
_cell.length_c   109.751
_cell.angle_alpha   90.00
_cell.angle_beta   96.12
_cell.angle_gamma   90.00
#
_symmetry.space_group_name_H-M   'P 1 21 1'
#
loop_
_entity.id
_entity.type
_entity.pdbx_description
1 polymer 'MRNA TRANSPORT REGULATOR Mtr2'
2 polymer 'mRNA export factor MEX67'
3 non-polymer GLYCEROL
4 water water
#
loop_
_entity_poly.entity_id
_entity_poly.type
_entity_poly.pdbx_seq_one_letter_code
_entity_poly.pdbx_strand_id
1 'polypeptide(L)'
;(MSE)GSSHHHHHHSSGLVPRGSH(MSE)NQDPTQQLEPFLKRFLASLDLLYTQPTSQPFPNVESYATQLGSNLKRSSAI
IVNGQPIIPSPQEDCKLQFQKKWLQTPLSSHQLTSYDGHLIPGTGTFVVHFSAKVRFDQSGRNRLGESADLFQENNSIVS
KTNQRPIWGSWFGVDVNLVVDENV(MSE)QDGEIINS(MSE)DYRFTYVPNDSIIKV
;
A,C
2 'polypeptide(L)'
;(MSE)SPET(MSE)FFQDEDSRNLATNFIANYLKLWDANRSEL(MSE)ILYQNESQFS(MSE)QVDSSHPHLIESGNSGY
SGSTDFGYYLNNSRNLTRVSSIKAR(MSE)AKLSIGQEQIYKSFQQLPKTRHDIIATPELFS(MSE)EVYKFPTLNGI
(MSE)ITLHGSFDEVAQPEVDGSASSAPSGPRGGSRYHSGPKHKRIPLSKKSFDRTFVVIPGPNGS(MSE)IVASDTLLI
RPYTSDFPWKVQK
;
B,D
#
loop_
_chem_comp.id
_chem_comp.type
_chem_comp.name
_chem_comp.formula
GOL non-polymer GLYCEROL 'C3 H8 O3'
#
# COMPACT_ATOMS: atom_id res chain seq x y z
N GLN A 23 -8.30 3.80 -19.35
CA GLN A 23 -7.96 4.12 -20.74
C GLN A 23 -9.22 4.72 -21.27
N ASP A 24 -9.46 4.57 -22.57
CA ASP A 24 -10.83 4.55 -23.04
C ASP A 24 -11.26 3.13 -22.64
N PRO A 25 -10.87 2.12 -23.40
CA PRO A 25 -11.56 0.82 -23.30
C PRO A 25 -11.16 -0.09 -22.11
N THR A 26 -10.08 0.22 -21.39
CA THR A 26 -9.62 -0.63 -20.29
C THR A 26 -10.26 -0.31 -18.93
N GLN A 27 -10.98 0.79 -18.82
CA GLN A 27 -11.46 1.24 -17.50
C GLN A 27 -12.34 0.17 -16.85
N GLN A 28 -13.29 -0.34 -17.62
CA GLN A 28 -14.22 -1.36 -17.12
C GLN A 28 -13.57 -2.71 -16.80
N LEU A 29 -12.33 -2.92 -17.22
CA LEU A 29 -11.62 -4.16 -16.87
C LEU A 29 -11.40 -4.34 -15.36
N GLU A 30 -11.10 -3.29 -14.62
CA GLU A 30 -10.80 -3.44 -13.18
C GLU A 30 -11.99 -3.96 -12.36
N PRO A 31 -13.17 -3.33 -12.47
CA PRO A 31 -14.36 -3.88 -11.80
C PRO A 31 -14.69 -5.31 -12.23
N PHE A 32 -14.53 -5.60 -13.52
CA PHE A 32 -14.74 -6.97 -14.01
C PHE A 32 -13.78 -7.95 -13.34
N LEU A 33 -12.50 -7.59 -13.26
CA LEU A 33 -11.51 -8.48 -12.66
C LEU A 33 -11.82 -8.71 -11.19
N LYS A 34 -12.19 -7.65 -10.47
CA LYS A 34 -12.50 -7.78 -9.06
C LYS A 34 -13.75 -8.65 -8.84
N ARG A 35 -14.73 -8.57 -9.75
CA ARG A 35 -15.95 -9.41 -9.65
C ARG A 35 -15.62 -10.87 -9.91
N PHE A 36 -14.82 -11.13 -10.94
CA PHE A 36 -14.36 -12.47 -11.26
C PHE A 36 -13.60 -13.13 -10.10
N LEU A 37 -12.64 -12.41 -9.53
CA LEU A 37 -11.87 -12.91 -8.38
C LEU A 37 -12.77 -13.14 -7.15
N ALA A 38 -13.68 -12.22 -6.87
CA ALA A 38 -14.64 -12.40 -5.79
C ALA A 38 -15.53 -13.65 -5.97
N SER A 39 -15.81 -14.03 -7.21
CA SER A 39 -16.56 -15.26 -7.50
C SER A 39 -15.76 -16.53 -7.19
N LEU A 40 -14.43 -16.50 -7.37
CA LEU A 40 -13.57 -17.58 -6.94
C LEU A 40 -13.47 -17.69 -5.41
N ASP A 41 -13.64 -16.55 -4.73
CA ASP A 41 -13.47 -16.44 -3.28
C ASP A 41 -14.81 -16.47 -2.53
N LEU A 42 -15.87 -16.90 -3.19
CA LEU A 42 -17.21 -16.87 -2.64
C LEU A 42 -17.35 -17.61 -1.31
N LEU A 43 -17.87 -16.92 -0.31
CA LEU A 43 -18.18 -17.52 0.99
C LEU A 43 -19.58 -18.15 0.90
N TYR A 44 -19.66 -19.43 1.26
CA TYR A 44 -20.92 -20.18 1.21
C TYR A 44 -21.85 -19.72 2.31
N THR A 45 -23.10 -19.40 1.98
CA THR A 45 -24.11 -19.01 2.99
C THR A 45 -25.36 -19.89 2.91
N GLN A 46 -26.09 -19.93 4.03
CA GLN A 46 -27.29 -20.76 4.17
C GLN A 46 -28.34 -20.05 5.03
N SER A 49 -32.10 -23.13 7.59
CA SER A 49 -31.58 -24.36 8.14
C SER A 49 -31.97 -25.56 7.28
N GLN A 50 -30.98 -26.36 6.88
CA GLN A 50 -31.21 -27.56 6.05
C GLN A 50 -30.10 -28.60 6.26
N PRO A 51 -30.42 -29.89 6.12
CA PRO A 51 -29.49 -30.95 6.53
C PRO A 51 -28.20 -31.00 5.70
N PHE A 52 -28.31 -30.84 4.39
CA PHE A 52 -27.14 -30.91 3.51
C PHE A 52 -26.97 -29.62 2.69
N PRO A 53 -25.72 -29.19 2.47
CA PRO A 53 -25.48 -27.92 1.78
C PRO A 53 -25.89 -27.93 0.30
N ASN A 54 -26.21 -26.75 -0.23
CA ASN A 54 -26.60 -26.57 -1.62
C ASN A 54 -25.35 -26.45 -2.47
N VAL A 55 -24.79 -27.61 -2.83
CA VAL A 55 -23.48 -27.68 -3.47
C VAL A 55 -23.50 -27.06 -4.86
N GLU A 56 -24.49 -27.43 -5.67
CA GLU A 56 -24.57 -27.01 -7.05
C GLU A 56 -24.83 -25.50 -7.18
N SER A 57 -25.72 -24.92 -6.37
CA SER A 57 -25.99 -23.49 -6.47
C SER A 57 -24.76 -22.66 -6.08
N TYR A 58 -23.96 -23.18 -5.14
CA TYR A 58 -22.70 -22.55 -4.76
C TYR A 58 -21.64 -22.68 -5.88
N ALA A 59 -21.43 -23.90 -6.35
CA ALA A 59 -20.32 -24.22 -7.25
C ALA A 59 -20.48 -23.63 -8.65
N THR A 60 -21.71 -23.48 -9.11
CA THR A 60 -21.97 -22.86 -10.41
C THR A 60 -21.75 -21.33 -10.41
N GLN A 61 -21.67 -20.71 -9.23
CA GLN A 61 -21.28 -19.32 -9.10
C GLN A 61 -19.77 -19.12 -9.13
N LEU A 62 -18.99 -20.18 -8.97
CA LEU A 62 -17.53 -20.07 -8.95
C LEU A 62 -17.02 -19.81 -10.37
N GLY A 63 -16.27 -18.73 -10.55
CA GLY A 63 -15.78 -18.34 -11.87
C GLY A 63 -16.87 -18.30 -12.93
N SER A 64 -18.02 -17.73 -12.57
CA SER A 64 -19.21 -17.80 -13.44
C SER A 64 -19.09 -17.00 -14.74
N ASN A 65 -18.11 -16.10 -14.82
CA ASN A 65 -17.86 -15.34 -16.06
C ASN A 65 -17.19 -16.19 -17.14
N LEU A 66 -16.75 -17.39 -16.79
CA LEU A 66 -16.22 -18.34 -17.77
C LEU A 66 -17.34 -18.77 -18.70
N LYS A 67 -17.00 -18.98 -19.97
CA LYS A 67 -17.90 -19.59 -20.95
C LYS A 67 -17.85 -21.10 -20.80
N ARG A 68 -18.96 -21.76 -21.15
CA ARG A 68 -19.08 -23.22 -21.00
C ARG A 68 -17.93 -23.99 -21.64
N SER A 69 -17.49 -23.57 -22.81
CA SER A 69 -16.41 -24.27 -23.51
C SER A 69 -15.13 -23.43 -23.59
N SER A 70 -14.84 -22.69 -22.53
CA SER A 70 -13.65 -21.87 -22.50
C SER A 70 -12.44 -22.77 -22.33
N ALA A 71 -11.31 -22.36 -22.91
CA ALA A 71 -10.05 -23.05 -22.72
C ALA A 71 -9.50 -22.67 -21.35
N ILE A 72 -9.23 -23.65 -20.50
CA ILE A 72 -8.76 -23.42 -19.13
C ILE A 72 -7.49 -24.24 -18.87
N ILE A 73 -6.44 -23.56 -18.41
CA ILE A 73 -5.18 -24.18 -18.01
C ILE A 73 -4.86 -23.72 -16.60
N VAL A 74 -4.61 -24.66 -15.69
CA VAL A 74 -4.16 -24.37 -14.33
C VAL A 74 -2.79 -25.00 -14.07
N ASN A 75 -1.81 -24.18 -13.69
CA ASN A 75 -0.41 -24.58 -13.56
C ASN A 75 0.09 -25.49 -14.68
N GLY A 76 -0.25 -25.13 -15.92
CA GLY A 76 0.31 -25.79 -17.10
C GLY A 76 -0.48 -27.00 -17.57
N GLN A 77 -1.51 -27.36 -16.82
CA GLN A 77 -2.30 -28.55 -17.06
C GLN A 77 -3.67 -28.13 -17.58
N PRO A 78 -4.00 -28.46 -18.83
CA PRO A 78 -5.29 -28.07 -19.40
C PRO A 78 -6.43 -28.92 -18.85
N ILE A 79 -7.62 -28.32 -18.76
CA ILE A 79 -8.83 -29.06 -18.47
C ILE A 79 -9.34 -29.67 -19.78
N ILE A 80 -9.54 -30.98 -19.78
CA ILE A 80 -9.97 -31.70 -20.97
C ILE A 80 -11.47 -31.93 -20.90
N PRO A 81 -12.23 -31.43 -21.89
CA PRO A 81 -13.67 -31.64 -21.90
C PRO A 81 -14.04 -33.09 -22.25
N SER A 82 -14.94 -33.68 -21.47
CA SER A 82 -15.56 -34.97 -21.77
C SER A 82 -16.96 -34.75 -22.36
N PRO A 83 -17.53 -35.76 -23.02
CA PRO A 83 -18.92 -35.63 -23.51
C PRO A 83 -19.92 -35.38 -22.38
N GLN A 84 -19.60 -35.83 -21.17
CA GLN A 84 -20.48 -35.68 -20.01
C GLN A 84 -20.38 -34.30 -19.32
N GLU A 85 -19.18 -33.70 -19.34
CA GLU A 85 -18.89 -32.46 -18.60
C GLU A 85 -18.04 -31.48 -19.42
N ASP A 86 -18.57 -30.28 -19.67
CA ASP A 86 -17.81 -29.25 -20.37
C ASP A 86 -16.73 -28.63 -19.45
N CYS A 87 -15.85 -27.81 -20.04
CA CYS A 87 -14.67 -27.29 -19.33
C CYS A 87 -15.01 -26.45 -18.11
N LYS A 88 -16.04 -25.62 -18.21
CA LYS A 88 -16.43 -24.76 -17.11
C LYS A 88 -16.90 -25.59 -15.92
N LEU A 89 -17.71 -26.62 -16.17
CA LEU A 89 -18.22 -27.49 -15.10
C LEU A 89 -17.07 -28.23 -14.42
N GLN A 90 -16.15 -28.78 -15.21
CA GLN A 90 -14.98 -29.46 -14.66
C GLN A 90 -14.18 -28.52 -13.76
N PHE A 91 -13.92 -27.31 -14.24
CA PHE A 91 -13.20 -26.33 -13.45
C PHE A 91 -13.91 -26.06 -12.13
N GLN A 92 -15.22 -25.86 -12.17
CA GLN A 92 -15.98 -25.49 -10.98
C GLN A 92 -15.95 -26.61 -9.93
N LYS A 93 -15.97 -27.86 -10.37
CA LYS A 93 -15.92 -29.01 -9.47
C LYS A 93 -14.54 -29.21 -8.85
N LYS A 94 -13.49 -28.84 -9.59
CA LYS A 94 -12.14 -28.86 -9.05
C LYS A 94 -11.87 -27.68 -8.11
N TRP A 95 -12.35 -26.49 -8.48
CA TRP A 95 -12.19 -25.29 -7.68
C TRP A 95 -12.94 -25.43 -6.35
N LEU A 96 -14.12 -26.05 -6.40
CA LEU A 96 -14.93 -26.38 -5.22
C LEU A 96 -14.16 -27.14 -4.13
N GLN A 97 -13.19 -27.93 -4.55
CA GLN A 97 -12.39 -28.77 -3.64
C GLN A 97 -11.19 -28.05 -3.03
N THR A 98 -10.89 -26.83 -3.48
CA THR A 98 -9.87 -26.02 -2.82
C THR A 98 -10.44 -25.44 -1.53
N PRO A 99 -9.59 -25.15 -0.55
CA PRO A 99 -10.02 -24.39 0.61
C PRO A 99 -10.41 -22.99 0.19
N LEU A 100 -11.21 -22.32 1.00
CA LEU A 100 -11.62 -20.97 0.70
C LEU A 100 -10.40 -20.12 0.36
N SER A 101 -10.54 -19.34 -0.71
CA SER A 101 -9.47 -18.49 -1.22
C SER A 101 -9.79 -17.03 -0.98
N SER A 102 -8.73 -16.22 -0.96
CA SER A 102 -8.82 -14.77 -0.94
C SER A 102 -7.75 -14.19 -1.88
N HIS A 103 -8.19 -13.64 -3.02
CA HIS A 103 -7.27 -13.08 -4.04
C HIS A 103 -7.24 -11.59 -3.83
N GLN A 104 -6.05 -11.02 -4.02
CA GLN A 104 -5.87 -9.58 -4.07
C GLN A 104 -5.26 -9.24 -5.43
N LEU A 105 -6.00 -8.47 -6.24
CA LEU A 105 -5.51 -8.02 -7.53
C LEU A 105 -4.35 -7.07 -7.29
N THR A 106 -3.18 -7.34 -7.88
CA THR A 106 -2.01 -6.45 -7.71
C THR A 106 -1.56 -5.68 -8.97
N SER A 107 -1.87 -6.18 -10.15
CA SER A 107 -1.57 -5.45 -11.39
C SER A 107 -2.46 -5.97 -12.47
N TYR A 108 -2.80 -5.12 -13.42
CA TYR A 108 -3.35 -5.60 -14.68
C TYR A 108 -3.00 -4.67 -15.82
N ASP A 109 -3.05 -5.24 -17.00
CA ASP A 109 -2.88 -4.52 -18.25
C ASP A 109 -3.77 -5.25 -19.26
N GLY A 110 -4.18 -4.56 -20.31
CA GLY A 110 -5.04 -5.13 -21.33
C GLY A 110 -4.89 -4.46 -22.69
N HIS A 111 -4.98 -5.27 -23.75
CA HIS A 111 -4.94 -4.80 -25.13
C HIS A 111 -6.21 -5.23 -25.86
N LEU A 112 -6.91 -4.28 -26.45
CA LEU A 112 -8.00 -4.58 -27.37
C LEU A 112 -7.36 -4.88 -28.73
N ILE A 113 -7.53 -6.10 -29.19
CA ILE A 113 -6.89 -6.51 -30.43
C ILE A 113 -7.86 -6.28 -31.59
N PRO A 114 -7.47 -5.45 -32.56
CA PRO A 114 -8.39 -5.07 -33.66
C PRO A 114 -8.83 -6.27 -34.51
N GLY A 115 -10.09 -6.25 -34.93
CA GLY A 115 -10.66 -7.32 -35.73
C GLY A 115 -10.89 -8.64 -35.01
N THR A 116 -10.89 -8.62 -33.67
CA THR A 116 -11.15 -9.85 -32.91
C THR A 116 -12.40 -9.81 -32.02
N GLY A 117 -12.86 -8.61 -31.69
CA GLY A 117 -13.89 -8.44 -30.68
C GLY A 117 -13.47 -8.90 -29.29
N THR A 118 -12.16 -8.94 -29.01
CA THR A 118 -11.66 -9.42 -27.70
C THR A 118 -10.52 -8.58 -27.14
N PHE A 119 -10.45 -8.56 -25.82
CA PHE A 119 -9.30 -8.10 -25.06
C PHE A 119 -8.42 -9.27 -24.72
N VAL A 120 -7.12 -9.06 -24.74
CA VAL A 120 -6.19 -9.87 -23.98
C VAL A 120 -5.91 -9.11 -22.70
N VAL A 121 -6.07 -9.79 -21.56
CA VAL A 121 -5.90 -9.20 -20.24
C VAL A 121 -4.88 -10.05 -19.48
N HIS A 122 -3.77 -9.41 -19.10
CA HIS A 122 -2.69 -10.05 -18.36
C HIS A 122 -2.66 -9.40 -16.99
N PHE A 123 -2.99 -10.17 -15.95
CA PHE A 123 -3.01 -9.63 -14.60
C PHE A 123 -2.27 -10.51 -13.61
N SER A 124 -1.88 -9.91 -12.51
CA SER A 124 -1.26 -10.64 -11.43
C SER A 124 -2.04 -10.42 -10.14
N ALA A 125 -1.87 -11.37 -9.22
CA ALA A 125 -2.58 -11.37 -7.97
C ALA A 125 -1.76 -12.07 -6.92
N LYS A 126 -2.06 -11.81 -5.65
CA LYS A 126 -1.63 -12.71 -4.59
C LYS A 126 -2.89 -13.42 -4.07
N VAL A 127 -2.75 -14.68 -3.64
CA VAL A 127 -3.87 -15.45 -3.14
C VAL A 127 -3.44 -16.24 -1.90
N ARG A 128 -4.32 -16.26 -0.91
CA ARG A 128 -4.08 -17.08 0.27
C ARG A 128 -5.33 -17.92 0.59
N PHE A 129 -5.12 -18.94 1.40
CA PHE A 129 -6.10 -20.01 1.55
C PHE A 129 -6.38 -20.25 3.03
N ASP A 130 -7.60 -20.67 3.31
CA ASP A 130 -8.07 -20.97 4.65
C ASP A 130 -7.36 -22.22 5.14
N GLN A 131 -6.65 -22.10 6.26
CA GLN A 131 -5.89 -23.21 6.89
C GLN A 131 -6.64 -23.88 8.04
N SER A 132 -7.93 -23.58 8.19
CA SER A 132 -8.69 -24.04 9.36
C SER A 132 -8.98 -25.54 9.34
N GLY A 133 -8.95 -26.14 8.15
CA GLY A 133 -9.34 -27.54 7.97
C GLY A 133 -10.76 -27.72 7.46
N ARG A 134 -11.56 -26.66 7.48
CA ARG A 134 -12.88 -26.68 6.88
C ARG A 134 -12.78 -26.53 5.35
N ASN A 135 -13.69 -27.20 4.64
CA ASN A 135 -13.83 -27.00 3.20
C ASN A 135 -14.73 -25.77 2.93
N ARG A 136 -15.04 -25.50 1.68
CA ARG A 136 -15.84 -24.32 1.31
C ARG A 136 -17.28 -24.37 1.86
N LEU A 137 -17.78 -25.57 2.16
CA LEU A 137 -19.10 -25.73 2.77
C LEU A 137 -19.08 -25.77 4.31
N GLY A 138 -17.94 -25.47 4.92
CA GLY A 138 -17.84 -25.32 6.36
C GLY A 138 -17.59 -26.61 7.14
N GLU A 139 -17.19 -27.66 6.43
CA GLU A 139 -17.08 -28.99 7.01
C GLU A 139 -15.65 -29.46 7.04
N SER A 140 -15.28 -30.17 8.11
CA SER A 140 -13.92 -30.67 8.28
C SER A 140 -13.92 -32.19 8.31
N ALA A 141 -12.86 -32.77 7.75
CA ALA A 141 -12.69 -34.21 7.65
C ALA A 141 -11.81 -34.70 8.80
N ASP A 142 -12.27 -34.46 10.03
CA ASP A 142 -11.44 -34.66 11.22
C ASP A 142 -11.93 -35.77 12.17
N LEU A 143 -12.83 -36.62 11.68
CA LEU A 143 -13.53 -37.59 12.53
C LEU A 143 -12.59 -38.47 13.37
N PHE A 144 -11.51 -38.93 12.74
CA PHE A 144 -10.61 -39.87 13.39
C PHE A 144 -9.51 -39.19 14.21
N GLN A 145 -9.19 -37.94 13.86
CA GLN A 145 -8.14 -37.17 14.53
C GLN A 145 -8.47 -36.86 16.00
N GLU A 146 -7.50 -36.27 16.70
CA GLU A 146 -7.71 -35.83 18.08
C GLU A 146 -7.78 -34.30 18.14
N ASN A 147 -9.02 -33.81 18.09
CA ASN A 147 -9.33 -32.38 18.02
C ASN A 147 -9.46 -31.77 19.41
N ASN A 155 -16.97 -18.23 17.15
CA ASN A 155 -17.34 -18.40 15.75
C ASN A 155 -16.15 -18.83 14.88
N GLN A 156 -16.45 -19.56 13.80
CA GLN A 156 -15.45 -20.14 12.90
C GLN A 156 -15.11 -19.20 11.74
N ARG A 157 -14.08 -18.37 11.92
CA ARG A 157 -13.61 -17.50 10.85
C ARG A 157 -12.46 -18.21 10.14
N PRO A 158 -12.27 -17.95 8.85
CA PRO A 158 -11.12 -18.53 8.14
C PRO A 158 -9.80 -18.07 8.74
N ILE A 159 -8.81 -18.95 8.73
CA ILE A 159 -7.46 -18.64 9.19
C ILE A 159 -6.54 -18.66 7.97
N TRP A 160 -6.19 -17.47 7.47
CA TRP A 160 -5.48 -17.35 6.20
C TRP A 160 -4.02 -17.73 6.33
N GLY A 161 -3.52 -18.49 5.36
CA GLY A 161 -2.12 -18.85 5.29
C GLY A 161 -1.30 -17.74 4.61
N SER A 162 -0.09 -18.10 4.18
CA SER A 162 0.80 -17.19 3.49
C SER A 162 0.36 -16.93 2.04
N TRP A 163 0.84 -15.83 1.50
CA TRP A 163 0.53 -15.43 0.13
C TRP A 163 1.24 -16.31 -0.92
N PHE A 164 0.45 -16.81 -1.87
CA PHE A 164 0.89 -17.40 -3.10
C PHE A 164 0.92 -16.26 -4.14
N GLY A 165 1.86 -16.30 -5.09
CA GLY A 165 1.82 -15.44 -6.25
C GLY A 165 1.07 -16.11 -7.40
N VAL A 166 0.35 -15.31 -8.17
CA VAL A 166 -0.38 -15.79 -9.34
C VAL A 166 -0.22 -14.84 -10.55
N ASP A 167 0.00 -15.45 -11.73
CA ASP A 167 -0.05 -14.77 -13.01
C ASP A 167 -1.20 -15.37 -13.80
N VAL A 168 -2.06 -14.51 -14.34
CA VAL A 168 -3.29 -14.94 -15.03
C VAL A 168 -3.44 -14.22 -16.36
N ASN A 169 -3.74 -14.97 -17.42
CA ASN A 169 -4.05 -14.40 -18.72
C ASN A 169 -5.45 -14.80 -19.18
N LEU A 170 -6.27 -13.79 -19.51
CA LEU A 170 -7.62 -14.01 -20.01
C LEU A 170 -7.77 -13.47 -21.43
N VAL A 171 -8.59 -14.14 -22.23
CA VAL A 171 -9.12 -13.55 -23.46
C VAL A 171 -10.62 -13.38 -23.21
N VAL A 172 -11.08 -12.14 -23.24
CA VAL A 172 -12.44 -11.81 -22.84
C VAL A 172 -13.13 -10.98 -23.92
N ASP A 173 -14.43 -11.18 -24.09
CA ASP A 173 -15.24 -10.40 -25.00
C ASP A 173 -15.14 -8.90 -24.68
N GLU A 174 -15.07 -8.11 -25.75
CA GLU A 174 -14.91 -6.66 -25.70
C GLU A 174 -15.97 -5.96 -24.87
N ASN A 175 -17.19 -6.50 -24.88
CA ASN A 175 -18.30 -5.95 -24.10
C ASN A 175 -18.25 -6.49 -22.68
N VAL A 176 -17.41 -5.85 -21.86
CA VAL A 176 -17.07 -6.32 -20.52
C VAL A 176 -18.11 -5.91 -19.47
N MSE A 177 -18.84 -4.83 -19.74
CA MSE A 177 -19.86 -4.32 -18.82
C MSE A 177 -20.94 -5.34 -18.44
O MSE A 177 -21.71 -5.13 -17.49
CB MSE A 177 -20.54 -3.07 -19.41
CG MSE A 177 -19.78 -1.77 -19.15
SE MSE A 177 -19.41 -1.53 -17.25
CE MSE A 177 -20.81 -0.18 -16.87
N GLN A 178 -21.02 -6.44 -19.20
CA GLN A 178 -21.90 -7.54 -18.87
C GLN A 178 -21.12 -8.47 -17.96
N ASP A 179 -21.78 -8.98 -16.91
CA ASP A 179 -21.16 -10.01 -16.11
C ASP A 179 -21.88 -11.33 -16.33
N GLY A 180 -21.96 -11.69 -17.61
CA GLY A 180 -22.33 -13.02 -18.02
C GLY A 180 -21.07 -13.78 -18.43
N GLU A 181 -21.25 -14.70 -19.36
CA GLU A 181 -20.21 -15.63 -19.78
C GLU A 181 -19.39 -14.99 -20.88
N ILE A 182 -18.32 -14.29 -20.50
CA ILE A 182 -17.51 -13.52 -21.45
C ILE A 182 -16.06 -13.95 -21.62
N ILE A 183 -15.56 -14.86 -20.77
CA ILE A 183 -14.16 -15.29 -20.83
C ILE A 183 -14.01 -16.48 -21.77
N ASN A 184 -13.23 -16.31 -22.85
CA ASN A 184 -12.96 -17.36 -23.83
C ASN A 184 -11.85 -18.33 -23.42
N SER A 185 -10.86 -17.83 -22.68
CA SER A 185 -9.78 -18.65 -22.17
C SER A 185 -9.17 -18.05 -20.91
N MSE A 186 -8.71 -18.93 -20.03
CA MSE A 186 -7.99 -18.54 -18.82
C MSE A 186 -6.79 -19.44 -18.60
O MSE A 186 -6.89 -20.67 -18.61
CB MSE A 186 -8.88 -18.62 -17.59
CG MSE A 186 -8.07 -18.39 -16.29
SE MSE A 186 -9.18 -18.39 -14.73
CE MSE A 186 -10.01 -20.07 -14.85
N ASP A 187 -5.66 -18.81 -18.34
CA ASP A 187 -4.41 -19.50 -18.03
C ASP A 187 -3.98 -18.97 -16.66
N TYR A 188 -4.09 -19.84 -15.65
CA TYR A 188 -3.92 -19.48 -14.26
C TYR A 188 -2.69 -20.21 -13.74
N ARG A 189 -1.71 -19.47 -13.24
CA ARG A 189 -0.36 -20.02 -12.99
C ARG A 189 0.23 -19.49 -11.68
N PHE A 190 0.40 -20.37 -10.69
CA PHE A 190 1.17 -20.02 -9.49
C PHE A 190 2.61 -19.70 -9.87
N THR A 191 3.08 -18.53 -9.45
CA THR A 191 4.46 -18.10 -9.67
C THR A 191 5.34 -18.34 -8.44
N TYR A 192 4.69 -18.52 -7.30
CA TYR A 192 5.37 -18.69 -6.02
C TYR A 192 4.41 -19.35 -5.03
N VAL A 193 4.90 -20.39 -4.36
CA VAL A 193 4.13 -21.20 -3.41
C VAL A 193 4.92 -21.24 -2.11
N PRO A 194 4.38 -20.69 -1.03
CA PRO A 194 5.11 -20.63 0.24
C PRO A 194 5.22 -22.01 0.87
N ASN A 195 6.24 -22.25 1.69
CA ASN A 195 6.40 -23.55 2.35
C ASN A 195 5.30 -23.79 3.39
N ASP A 196 4.16 -24.30 2.94
CA ASP A 196 2.97 -24.59 3.77
C ASP A 196 1.71 -24.79 2.94
N SER B 13 2.89 -26.88 -32.75
CA SER B 13 2.54 -25.63 -32.02
C SER B 13 3.41 -25.44 -30.79
N ARG B 14 3.62 -26.53 -30.04
CA ARG B 14 4.50 -26.52 -28.88
C ARG B 14 5.97 -26.36 -29.28
N ASN B 15 6.32 -26.87 -30.46
CA ASN B 15 7.68 -26.70 -31.00
C ASN B 15 7.86 -25.37 -31.73
N LEU B 16 6.78 -24.89 -32.36
CA LEU B 16 6.79 -23.58 -33.03
C LEU B 16 6.89 -22.42 -32.04
N ALA B 17 6.47 -22.66 -30.80
CA ALA B 17 6.51 -21.67 -29.73
C ALA B 17 7.85 -21.71 -29.01
N THR B 18 8.41 -22.90 -28.86
CA THR B 18 9.73 -23.08 -28.26
C THR B 18 10.80 -22.41 -29.12
N ASN B 19 10.65 -22.49 -30.45
CA ASN B 19 11.57 -21.85 -31.37
C ASN B 19 11.40 -20.33 -31.36
N PHE B 20 10.14 -19.87 -31.37
CA PHE B 20 9.85 -18.43 -31.33
C PHE B 20 10.52 -17.81 -30.12
N ILE B 21 10.31 -18.41 -28.95
CA ILE B 21 10.82 -17.91 -27.68
C ILE B 21 12.35 -17.95 -27.62
N ALA B 22 12.95 -19.00 -28.18
CA ALA B 22 14.40 -19.18 -28.20
C ALA B 22 15.09 -18.09 -29.03
N ASN B 23 14.56 -17.82 -30.22
CA ASN B 23 15.08 -16.76 -31.07
C ASN B 23 14.77 -15.38 -30.52
N TYR B 24 13.57 -15.21 -29.96
CA TYR B 24 13.15 -13.93 -29.38
C TYR B 24 14.12 -13.50 -28.30
N LEU B 25 14.39 -14.41 -27.36
CA LEU B 25 15.22 -14.09 -26.20
C LEU B 25 16.69 -13.89 -26.56
N LYS B 26 17.19 -14.64 -27.54
CA LYS B 26 18.52 -14.41 -28.06
C LYS B 26 18.68 -12.94 -28.46
N LEU B 27 17.75 -12.43 -29.26
CA LEU B 27 17.81 -11.05 -29.76
C LEU B 27 17.42 -10.01 -28.70
N TRP B 28 16.53 -10.40 -27.78
CA TRP B 28 16.14 -9.52 -26.67
C TRP B 28 17.34 -9.21 -25.78
N ASP B 29 18.22 -10.19 -25.62
CA ASP B 29 19.46 -10.00 -24.88
C ASP B 29 20.57 -9.36 -25.74
N ALA B 30 20.51 -9.53 -27.06
CA ALA B 30 21.58 -9.07 -27.96
C ALA B 30 21.25 -7.76 -28.67
N ASN B 31 20.42 -7.83 -29.71
CA ASN B 31 20.06 -6.65 -30.49
C ASN B 31 18.54 -6.55 -30.67
N ARG B 32 17.90 -5.70 -29.88
CA ARG B 32 16.45 -5.57 -29.91
C ARG B 32 15.89 -4.97 -31.20
N SER B 33 16.71 -4.22 -31.94
CA SER B 33 16.27 -3.70 -33.23
C SER B 33 15.94 -4.81 -34.22
N GLU B 34 16.58 -5.97 -34.06
CA GLU B 34 16.37 -7.11 -34.95
C GLU B 34 15.01 -7.80 -34.76
N LEU B 35 14.34 -7.51 -33.63
CA LEU B 35 13.02 -8.05 -33.34
C LEU B 35 11.89 -7.27 -34.02
N MSE B 36 12.18 -6.06 -34.50
CA MSE B 36 11.11 -5.15 -34.92
C MSE B 36 10.35 -5.55 -36.17
O MSE B 36 9.25 -5.05 -36.42
CB MSE B 36 11.65 -3.71 -35.06
CG MSE B 36 12.26 -3.16 -33.78
SE MSE B 36 11.19 -3.57 -32.15
CE MSE B 36 9.47 -2.95 -32.80
N ILE B 37 10.91 -6.47 -36.96
CA ILE B 37 10.19 -7.08 -38.08
C ILE B 37 8.92 -7.83 -37.62
N LEU B 38 8.93 -8.36 -36.40
CA LEU B 38 7.76 -9.06 -35.84
C LEU B 38 6.56 -8.16 -35.58
N TYR B 39 6.79 -6.86 -35.49
CA TYR B 39 5.73 -5.94 -35.12
C TYR B 39 5.28 -5.12 -36.33
N GLN B 40 3.98 -4.84 -36.40
CA GLN B 40 3.40 -4.05 -37.48
C GLN B 40 2.68 -2.81 -36.90
N ASN B 41 1.99 -2.06 -37.76
CA ASN B 41 1.36 -0.79 -37.37
C ASN B 41 0.34 -0.90 -36.24
N GLU B 42 -0.46 -1.96 -36.26
CA GLU B 42 -1.51 -2.18 -35.27
C GLU B 42 -1.03 -2.95 -34.01
N SER B 43 0.21 -3.42 -34.01
CA SER B 43 0.77 -4.19 -32.90
C SER B 43 0.86 -3.35 -31.62
N GLN B 44 0.72 -4.02 -30.47
CA GLN B 44 0.69 -3.35 -29.17
C GLN B 44 1.69 -3.99 -28.18
N PHE B 45 2.39 -3.12 -27.46
CA PHE B 45 3.25 -3.51 -26.35
C PHE B 45 3.02 -2.61 -25.14
N SER B 46 2.93 -3.22 -23.97
CA SER B 46 3.10 -2.47 -22.73
C SER B 46 3.74 -3.33 -21.66
N MSE B 47 4.37 -2.65 -20.70
CA MSE B 47 5.05 -3.27 -19.58
C MSE B 47 4.42 -2.77 -18.27
O MSE B 47 4.09 -1.58 -18.14
CB MSE B 47 6.55 -2.94 -19.63
CG MSE B 47 7.38 -3.51 -18.47
SE MSE B 47 7.41 -2.32 -16.91
CE MSE B 47 8.00 -0.71 -17.75
N GLN B 48 4.24 -3.69 -17.33
CA GLN B 48 3.64 -3.39 -16.01
C GLN B 48 4.55 -3.91 -14.89
N VAL B 49 4.68 -3.13 -13.82
CA VAL B 49 5.42 -3.54 -12.62
C VAL B 49 4.43 -3.95 -11.53
N ASP B 50 4.70 -5.10 -10.92
CA ASP B 50 3.99 -5.57 -9.72
C ASP B 50 4.97 -5.68 -8.54
N SER B 51 5.16 -4.59 -7.83
CA SER B 51 6.11 -4.52 -6.73
C SER B 51 5.67 -5.29 -5.50
N SER B 52 4.39 -5.65 -5.44
CA SER B 52 3.85 -6.40 -4.31
C SER B 52 3.88 -7.91 -4.48
N HIS B 53 4.41 -8.40 -5.60
CA HIS B 53 4.24 -9.81 -5.94
C HIS B 53 5.01 -10.68 -4.95
N PRO B 54 4.39 -11.76 -4.48
CA PRO B 54 5.08 -12.70 -3.58
C PRO B 54 6.38 -13.24 -4.15
N HIS B 55 7.32 -13.50 -3.26
CA HIS B 55 8.61 -14.08 -3.63
C HIS B 55 9.31 -14.59 -2.37
N LEU B 56 10.35 -15.40 -2.55
CA LEU B 56 11.13 -15.89 -1.42
C LEU B 56 12.03 -14.76 -0.93
N ILE B 57 11.90 -14.39 0.33
CA ILE B 57 12.79 -13.42 0.94
C ILE B 57 13.97 -14.18 1.59
N GLU B 58 15.19 -13.86 1.14
CA GLU B 58 16.43 -14.52 1.58
C GLU B 58 16.48 -16.01 1.24
N SER B 65 19.85 -6.55 1.90
CA SER B 65 19.97 -5.66 0.74
C SER B 65 18.72 -4.82 0.50
N GLY B 66 17.61 -5.23 1.10
CA GLY B 66 16.36 -4.47 1.08
C GLY B 66 15.47 -4.84 -0.08
N SER B 67 14.38 -4.10 -0.23
CA SER B 67 13.42 -4.33 -1.31
C SER B 67 14.02 -4.04 -2.68
N THR B 68 13.41 -4.60 -3.71
CA THR B 68 13.83 -4.40 -5.10
C THR B 68 13.64 -2.95 -5.50
N ASP B 69 14.67 -2.37 -6.13
CA ASP B 69 14.58 -1.05 -6.72
C ASP B 69 14.07 -1.16 -8.17
N PHE B 70 12.85 -0.70 -8.40
CA PHE B 70 12.24 -0.73 -9.74
C PHE B 70 12.40 0.60 -10.52
N GLY B 71 13.37 1.43 -10.14
CA GLY B 71 13.59 2.75 -10.73
C GLY B 71 13.61 2.90 -12.25
N TYR B 72 14.16 1.93 -12.97
CA TYR B 72 14.18 2.00 -14.44
C TYR B 72 12.82 1.70 -15.10
N TYR B 73 11.92 1.06 -14.35
CA TYR B 73 10.66 0.54 -14.84
C TYR B 73 9.42 1.36 -14.49
N LEU B 74 9.49 2.13 -13.41
CA LEU B 74 8.30 2.72 -12.81
C LEU B 74 7.62 3.75 -13.66
N ASN B 75 8.38 4.61 -14.34
CA ASN B 75 7.74 5.68 -15.12
C ASN B 75 6.95 5.15 -16.30
N ASN B 76 7.41 4.03 -16.85
CA ASN B 76 6.75 3.41 -17.98
C ASN B 76 5.78 2.28 -17.64
N SER B 77 5.61 1.98 -16.36
CA SER B 77 4.77 0.86 -15.91
C SER B 77 3.29 1.14 -16.16
N ARG B 78 2.64 0.24 -16.87
CA ARG B 78 1.22 0.34 -17.17
C ARG B 78 0.44 -0.62 -16.27
N ASN B 79 0.74 -0.58 -14.97
CA ASN B 79 -0.06 -1.26 -13.97
C ASN B 79 -1.30 -0.41 -13.82
N LEU B 80 -2.38 -0.86 -14.46
CA LEU B 80 -3.58 -0.04 -14.58
C LEU B 80 -4.39 0.09 -13.29
N THR B 81 -4.03 -0.64 -12.24
CA THR B 81 -4.63 -0.37 -10.91
C THR B 81 -4.02 0.86 -10.24
N ARG B 82 -2.90 1.34 -10.77
CA ARG B 82 -2.11 2.41 -10.14
C ARG B 82 -2.04 3.71 -10.96
N VAL B 83 -2.51 3.63 -12.21
CA VAL B 83 -2.54 4.76 -13.15
C VAL B 83 -4.01 5.03 -13.47
N SER B 84 -4.52 6.20 -13.10
CA SER B 84 -5.96 6.50 -13.26
C SER B 84 -6.31 7.48 -14.39
N SER B 85 -5.43 8.43 -14.70
CA SER B 85 -5.72 9.42 -15.74
C SER B 85 -5.61 8.77 -17.12
N ILE B 86 -6.52 9.14 -18.01
CA ILE B 86 -6.56 8.57 -19.36
C ILE B 86 -5.28 8.91 -20.11
N LYS B 87 -4.76 10.12 -19.91
CA LYS B 87 -3.55 10.54 -20.58
C LYS B 87 -2.40 9.59 -20.27
N ALA B 88 -2.20 9.29 -19.00
CA ALA B 88 -1.11 8.43 -18.56
C ALA B 88 -1.34 6.98 -19.02
N ARG B 89 -2.58 6.52 -18.97
CA ARG B 89 -2.91 5.16 -19.39
C ARG B 89 -2.56 4.92 -20.86
N MSE B 90 -2.82 5.90 -21.71
CA MSE B 90 -2.54 5.74 -23.14
C MSE B 90 -1.09 6.06 -23.48
O MSE B 90 -0.55 5.47 -24.42
CB MSE B 90 -3.53 6.57 -23.96
CG MSE B 90 -5.00 6.13 -23.80
SE MSE B 90 -5.38 4.19 -23.69
CE MSE B 90 -5.09 3.75 -25.54
N ALA B 91 -0.42 6.93 -22.72
CA ALA B 91 0.98 7.22 -22.94
C ALA B 91 1.90 6.02 -22.65
N LYS B 92 1.47 5.08 -21.80
CA LYS B 92 2.27 3.91 -21.46
C LYS B 92 2.00 2.69 -22.35
N LEU B 93 1.09 2.85 -23.30
CA LEU B 93 0.85 1.86 -24.34
C LEU B 93 1.59 2.25 -25.62
N SER B 94 2.34 1.29 -26.18
CA SER B 94 3.08 1.52 -27.43
C SER B 94 2.38 0.81 -28.59
N ILE B 95 2.13 1.54 -29.67
CA ILE B 95 1.46 1.01 -30.86
C ILE B 95 2.34 1.24 -32.09
N GLY B 96 2.64 0.17 -32.82
CA GLY B 96 3.44 0.27 -34.02
C GLY B 96 4.93 0.18 -33.72
N GLN B 97 5.72 -0.13 -34.74
CA GLN B 97 7.13 -0.44 -34.57
C GLN B 97 7.96 0.65 -33.89
N GLU B 98 7.72 1.91 -34.24
CA GLU B 98 8.50 3.03 -33.73
C GLU B 98 8.34 3.20 -32.21
N GLN B 99 7.08 3.28 -31.77
CA GLN B 99 6.76 3.43 -30.37
C GLN B 99 7.28 2.24 -29.54
N ILE B 100 7.07 1.04 -30.08
CA ILE B 100 7.46 -0.19 -29.39
C ILE B 100 8.97 -0.29 -29.27
N TYR B 101 9.70 0.02 -30.33
CA TYR B 101 11.15 0.04 -30.28
C TYR B 101 11.66 1.03 -29.22
N LYS B 102 11.05 2.20 -29.15
CA LYS B 102 11.41 3.17 -28.11
C LYS B 102 11.17 2.63 -26.68
N SER B 103 10.08 1.88 -26.46
CA SER B 103 9.85 1.25 -25.17
C SER B 103 10.94 0.22 -24.86
N PHE B 104 11.32 -0.57 -25.86
CA PHE B 104 12.34 -1.60 -25.71
C PHE B 104 13.69 -0.99 -25.34
N GLN B 105 14.00 0.19 -25.88
CA GLN B 105 15.27 0.87 -25.57
C GLN B 105 15.36 1.36 -24.12
N GLN B 106 14.21 1.54 -23.47
CA GLN B 106 14.14 2.02 -22.10
C GLN B 106 14.06 0.94 -21.03
N LEU B 107 14.14 -0.31 -21.45
CA LEU B 107 14.19 -1.44 -20.52
C LEU B 107 15.67 -1.85 -20.34
N PRO B 108 16.09 -2.11 -19.11
CA PRO B 108 17.47 -2.57 -18.88
C PRO B 108 17.85 -3.77 -19.77
N LYS B 109 19.12 -3.80 -20.17
CA LYS B 109 19.67 -4.88 -20.97
C LYS B 109 19.79 -6.13 -20.11
N THR B 110 19.56 -7.29 -20.72
CA THR B 110 19.32 -8.53 -19.98
C THR B 110 20.13 -9.71 -20.48
N ARG B 111 20.16 -10.74 -19.65
CA ARG B 111 20.49 -12.09 -20.10
C ARG B 111 19.52 -13.08 -19.46
N HIS B 112 18.76 -13.77 -20.32
CA HIS B 112 17.89 -14.87 -19.95
C HIS B 112 18.66 -16.15 -20.25
N ASP B 113 18.88 -16.97 -19.23
CA ASP B 113 19.76 -18.13 -19.35
C ASP B 113 18.96 -19.37 -19.78
N ILE B 114 18.27 -19.26 -20.92
CA ILE B 114 17.33 -20.27 -21.38
C ILE B 114 17.98 -21.47 -22.06
N ILE B 115 19.16 -21.27 -22.67
CA ILE B 115 19.90 -22.35 -23.33
C ILE B 115 20.56 -23.27 -22.29
N ALA B 116 21.28 -22.66 -21.35
CA ALA B 116 21.99 -23.39 -20.30
C ALA B 116 21.06 -23.91 -19.22
N THR B 117 20.10 -23.08 -18.81
CA THR B 117 19.19 -23.41 -17.72
C THR B 117 17.73 -23.18 -18.09
N PRO B 118 17.22 -23.97 -19.05
CA PRO B 118 15.82 -23.86 -19.48
C PRO B 118 14.80 -24.18 -18.39
N GLU B 119 15.26 -24.85 -17.34
CA GLU B 119 14.43 -25.22 -16.19
C GLU B 119 14.05 -24.05 -15.27
N LEU B 120 14.65 -22.88 -15.44
CA LEU B 120 14.21 -21.68 -14.72
C LEU B 120 12.86 -21.16 -15.23
N PHE B 121 12.42 -21.69 -16.38
CA PHE B 121 11.32 -21.15 -17.14
C PHE B 121 10.15 -22.12 -17.21
N SER B 122 8.94 -21.57 -17.24
CA SER B 122 7.74 -22.33 -17.61
C SER B 122 6.98 -21.58 -18.69
N MSE B 123 6.18 -22.32 -19.44
CA MSE B 123 5.51 -21.80 -20.62
C MSE B 123 4.19 -22.51 -20.87
O MSE B 123 4.10 -23.72 -20.69
CB MSE B 123 6.42 -21.97 -21.83
CG MSE B 123 6.01 -21.22 -23.11
SE MSE B 123 7.20 -21.60 -24.66
CE MSE B 123 8.81 -22.00 -23.72
N GLU B 124 3.15 -21.76 -21.26
CA GLU B 124 1.91 -22.31 -21.81
C GLU B 124 1.75 -21.81 -23.24
N VAL B 125 1.24 -22.67 -24.12
CA VAL B 125 0.93 -22.29 -25.49
C VAL B 125 -0.40 -22.94 -25.92
N TYR B 126 -1.29 -22.11 -26.46
CA TYR B 126 -2.63 -22.54 -26.83
C TYR B 126 -3.23 -21.63 -27.90
N LYS B 127 -4.37 -22.00 -28.44
CA LYS B 127 -5.03 -21.26 -29.51
C LYS B 127 -5.68 -19.95 -29.02
N PHE B 128 -5.50 -18.90 -29.81
CA PHE B 128 -6.29 -17.68 -29.72
C PHE B 128 -7.62 -17.93 -30.47
N PRO B 129 -8.75 -17.41 -29.98
CA PRO B 129 -10.07 -17.74 -30.57
C PRO B 129 -10.25 -17.36 -32.05
N THR B 130 -9.63 -16.27 -32.51
CA THR B 130 -9.79 -15.78 -33.89
C THR B 130 -8.45 -15.56 -34.57
N LEU B 131 -8.50 -15.22 -35.86
CA LEU B 131 -7.32 -14.87 -36.65
C LEU B 131 -6.26 -15.99 -36.74
N ASN B 132 -6.65 -17.22 -36.48
CA ASN B 132 -5.73 -18.36 -36.48
C ASN B 132 -4.42 -18.07 -35.71
N GLY B 133 -4.54 -17.40 -34.57
CA GLY B 133 -3.39 -17.06 -33.76
C GLY B 133 -3.12 -18.05 -32.64
N ILE B 134 -1.95 -17.92 -32.02
CA ILE B 134 -1.64 -18.68 -30.81
C ILE B 134 -1.19 -17.72 -29.70
N MSE B 135 -1.44 -18.14 -28.47
CA MSE B 135 -1.02 -17.42 -27.26
C MSE B 135 0.20 -18.13 -26.72
O MSE B 135 0.17 -19.33 -26.55
CB MSE B 135 -2.11 -17.50 -26.20
CG MSE B 135 -3.42 -16.88 -26.57
SE MSE B 135 -3.64 -15.16 -25.68
CE MSE B 135 -4.20 -15.65 -24.01
N ILE B 136 1.25 -17.38 -26.46
CA ILE B 136 2.44 -17.89 -25.79
C ILE B 136 2.72 -17.07 -24.53
N THR B 137 2.72 -17.72 -23.37
CA THR B 137 3.08 -17.08 -22.12
C THR B 137 4.30 -17.74 -21.49
N LEU B 138 5.31 -16.93 -21.19
CA LEU B 138 6.56 -17.37 -20.61
C LEU B 138 6.70 -16.78 -19.22
N HIS B 139 7.18 -17.60 -18.28
CA HIS B 139 7.43 -17.20 -16.89
C HIS B 139 8.86 -17.55 -16.53
N GLY B 140 9.54 -16.66 -15.81
CA GLY B 140 10.91 -16.95 -15.39
C GLY B 140 11.61 -15.79 -14.72
N SER B 141 12.92 -15.73 -14.92
CA SER B 141 13.74 -14.64 -14.39
C SER B 141 14.87 -14.23 -15.35
N PHE B 142 15.47 -13.08 -15.10
CA PHE B 142 16.63 -12.62 -15.87
C PHE B 142 17.62 -11.85 -15.00
N ASP B 143 18.84 -11.72 -15.50
CA ASP B 143 19.85 -10.83 -14.94
C ASP B 143 19.82 -9.54 -15.73
N GLU B 144 20.04 -8.42 -15.05
CA GLU B 144 20.25 -7.15 -15.73
C GLU B 144 21.74 -6.96 -15.85
N VAL B 145 22.23 -6.79 -17.08
CA VAL B 145 23.66 -6.68 -17.35
C VAL B 145 24.13 -5.24 -17.65
N ALA B 146 23.20 -4.35 -17.95
CA ALA B 146 23.53 -2.96 -18.20
C ALA B 146 22.29 -2.07 -18.15
N GLN B 147 22.53 -0.79 -17.91
CA GLN B 147 21.48 0.23 -17.92
C GLN B 147 20.80 0.21 -19.29
N PRO B 148 19.56 0.68 -19.39
CA PRO B 148 18.92 0.78 -20.69
C PRO B 148 19.64 1.76 -21.63
N GLU B 149 19.51 1.54 -22.92
CA GLU B 149 20.07 2.46 -23.92
C GLU B 149 19.58 3.88 -23.68
N VAL B 150 18.28 4.01 -23.40
CA VAL B 150 17.61 5.28 -23.18
C VAL B 150 17.05 5.30 -21.76
N ASP B 151 17.41 6.31 -20.97
CA ASP B 151 16.99 6.37 -19.56
C ASP B 151 15.58 6.91 -19.47
N GLY B 152 14.62 6.04 -19.17
CA GLY B 152 13.22 6.46 -19.03
C GLY B 152 12.73 6.52 -17.60
N SER B 153 13.65 6.77 -16.65
CA SER B 153 13.35 6.65 -15.22
C SER B 153 12.70 7.89 -14.58
N ALA B 154 13.09 9.08 -15.03
CA ALA B 154 12.56 10.33 -14.46
C ALA B 154 11.05 10.45 -14.71
N SER B 165 23.16 14.71 -17.78
CA SER B 165 24.27 13.83 -17.45
C SER B 165 25.02 13.32 -18.68
N ARG B 166 26.34 13.11 -18.52
CA ARG B 166 27.18 12.52 -19.55
C ARG B 166 27.10 10.98 -19.60
N TYR B 167 26.73 10.36 -18.48
CA TYR B 167 26.67 8.90 -18.37
C TYR B 167 25.32 8.30 -18.82
N HIS B 168 24.30 9.15 -18.95
CA HIS B 168 22.97 8.74 -19.43
C HIS B 168 22.18 9.94 -19.99
N SER B 169 21.13 9.65 -20.75
CA SER B 169 20.24 10.68 -21.30
C SER B 169 19.22 11.12 -20.25
N GLY B 170 18.56 12.24 -20.51
CA GLY B 170 17.54 12.76 -19.62
C GLY B 170 18.11 13.45 -18.38
N PRO B 171 17.23 13.83 -17.45
CA PRO B 171 17.63 14.58 -16.25
C PRO B 171 18.54 13.79 -15.29
N LYS B 172 19.35 14.52 -14.53
CA LYS B 172 20.29 13.93 -13.59
C LYS B 172 19.57 13.21 -12.42
N HIS B 173 20.15 12.09 -12.00
CA HIS B 173 19.68 11.32 -10.85
C HIS B 173 20.80 10.40 -10.35
N LYS B 174 20.66 9.88 -9.13
CA LYS B 174 21.69 8.98 -8.58
C LYS B 174 21.55 7.62 -9.24
N ARG B 175 22.65 6.88 -9.25
CA ARG B 175 22.75 5.59 -9.96
C ARG B 175 21.73 4.55 -9.46
N ILE B 176 20.88 4.06 -10.37
CA ILE B 176 19.92 2.99 -10.07
C ILE B 176 20.63 1.64 -10.15
N PRO B 177 20.47 0.79 -9.13
CA PRO B 177 21.14 -0.51 -9.15
C PRO B 177 20.52 -1.48 -10.16
N LEU B 178 21.36 -2.32 -10.74
CA LEU B 178 20.91 -3.41 -11.58
C LEU B 178 20.75 -4.63 -10.68
N SER B 179 19.72 -5.42 -10.93
CA SER B 179 19.44 -6.64 -10.17
C SER B 179 18.60 -7.62 -10.98
N LYS B 180 18.56 -8.86 -10.52
CA LYS B 180 17.70 -9.87 -11.11
C LYS B 180 16.25 -9.45 -10.92
N LYS B 181 15.41 -9.82 -11.87
CA LYS B 181 13.96 -9.68 -11.73
C LYS B 181 13.28 -10.99 -12.17
N SER B 182 12.09 -11.26 -11.65
CA SER B 182 11.25 -12.30 -12.22
C SER B 182 10.23 -11.62 -13.12
N PHE B 183 9.62 -12.40 -13.99
CA PHE B 183 8.70 -11.85 -14.99
C PHE B 183 7.79 -12.90 -15.62
N ASP B 184 6.74 -12.37 -16.25
CA ASP B 184 5.85 -13.12 -17.12
C ASP B 184 5.63 -12.29 -18.39
N ARG B 185 5.60 -12.95 -19.54
CA ARG B 185 5.43 -12.26 -20.80
C ARG B 185 4.49 -13.05 -21.71
N THR B 186 3.49 -12.36 -22.26
CA THR B 186 2.45 -12.94 -23.10
C THR B 186 2.48 -12.35 -24.49
N PHE B 187 2.57 -13.21 -25.50
CA PHE B 187 2.53 -12.84 -26.90
C PHE B 187 1.25 -13.41 -27.54
N VAL B 188 0.55 -12.62 -28.33
CA VAL B 188 -0.41 -13.15 -29.30
C VAL B 188 0.28 -13.09 -30.66
N VAL B 189 0.52 -14.26 -31.25
CA VAL B 189 1.23 -14.35 -32.53
C VAL B 189 0.26 -14.80 -33.64
N ILE B 190 0.29 -14.11 -34.77
CA ILE B 190 -0.62 -14.38 -35.89
C ILE B 190 0.15 -14.62 -37.21
N PRO B 191 -0.50 -15.24 -38.20
CA PRO B 191 0.12 -15.42 -39.53
C PRO B 191 0.49 -14.11 -40.25
N GLY B 192 -0.44 -13.16 -40.30
CA GLY B 192 -0.16 -11.86 -40.89
C GLY B 192 -0.08 -11.88 -42.40
N SER B 196 5.62 -13.42 -41.95
CA SER B 196 5.50 -14.83 -41.59
C SER B 196 4.86 -14.99 -40.20
N MSE B 197 5.49 -14.41 -39.19
CA MSE B 197 4.91 -14.32 -37.84
C MSE B 197 4.83 -12.86 -37.41
O MSE B 197 5.82 -12.12 -37.52
CB MSE B 197 5.73 -15.13 -36.82
CG MSE B 197 5.46 -16.63 -36.87
SE MSE B 197 6.39 -17.65 -35.48
CE MSE B 197 8.21 -17.53 -36.15
N ILE B 198 3.66 -12.44 -36.94
CA ILE B 198 3.44 -11.08 -36.47
C ILE B 198 2.97 -11.11 -35.02
N VAL B 199 3.68 -10.43 -34.13
CA VAL B 199 3.23 -10.22 -32.76
C VAL B 199 2.17 -9.11 -32.75
N ALA B 200 0.92 -9.52 -32.53
CA ALA B 200 -0.22 -8.61 -32.43
C ALA B 200 -0.25 -7.86 -31.10
N SER B 201 0.10 -8.59 -30.04
CA SER B 201 0.03 -8.10 -28.65
C SER B 201 1.18 -8.69 -27.85
N ASP B 202 1.73 -7.89 -26.94
CA ASP B 202 2.92 -8.25 -26.19
C ASP B 202 2.83 -7.52 -24.84
N THR B 203 2.65 -8.27 -23.74
CA THR B 203 2.59 -7.70 -22.40
C THR B 203 3.67 -8.32 -21.52
N LEU B 204 4.48 -7.45 -20.90
CA LEU B 204 5.58 -7.86 -20.05
C LEU B 204 5.25 -7.41 -18.63
N LEU B 205 5.29 -8.35 -17.70
CA LEU B 205 5.10 -8.07 -16.28
C LEU B 205 6.42 -8.28 -15.55
N ILE B 206 6.82 -7.27 -14.78
CA ILE B 206 8.09 -7.24 -14.03
C ILE B 206 7.77 -7.27 -12.54
N ARG B 207 8.44 -8.15 -11.81
CA ARG B 207 8.19 -8.39 -10.39
C ARG B 207 9.49 -8.82 -9.66
N PRO B 208 9.47 -8.81 -8.32
CA PRO B 208 10.67 -9.18 -7.57
C PRO B 208 11.15 -10.59 -7.91
N TYR B 209 12.46 -10.74 -7.99
CA TYR B 209 13.08 -12.04 -8.24
C TYR B 209 12.71 -13.02 -7.14
N THR B 210 12.34 -14.22 -7.56
CA THR B 210 12.13 -15.31 -6.63
C THR B 210 12.97 -16.50 -7.08
N SER B 211 13.89 -16.89 -6.21
CA SER B 211 14.77 -18.04 -6.47
C SER B 211 14.05 -19.36 -6.22
N ASP B 212 12.88 -19.27 -5.58
CA ASP B 212 11.98 -20.40 -5.42
C ASP B 212 10.67 -20.20 -6.19
N PHE B 213 10.30 -21.22 -6.97
CA PHE B 213 9.11 -21.18 -7.82
C PHE B 213 8.61 -22.61 -8.01
N PRO B 214 7.32 -22.79 -8.32
CA PRO B 214 6.70 -24.14 -8.30
C PRO B 214 7.20 -25.13 -9.35
N TRP B 215 7.82 -24.67 -10.44
CA TRP B 215 8.37 -25.59 -11.44
C TRP B 215 9.87 -25.84 -11.27
N LYS B 216 10.41 -25.50 -10.09
CA LYS B 216 11.84 -25.60 -9.84
C LYS B 216 12.32 -27.06 -9.76
N VAL B 217 13.61 -27.26 -10.05
CA VAL B 217 14.28 -28.57 -10.17
C VAL B 217 13.73 -29.37 -11.36
N GLN C 23 14.14 26.95 17.02
CA GLN C 23 13.81 27.74 15.82
C GLN C 23 13.58 29.17 16.24
N ASP C 24 13.10 29.99 15.30
CA ASP C 24 12.38 31.19 15.70
C ASP C 24 11.13 30.64 16.41
N PRO C 25 10.07 30.27 15.68
CA PRO C 25 8.76 30.08 16.33
C PRO C 25 8.57 28.78 17.13
N THR C 26 9.37 27.74 16.88
CA THR C 26 9.18 26.44 17.54
C THR C 26 9.96 26.26 18.84
N GLN C 27 10.74 27.26 19.25
CA GLN C 27 11.65 27.08 20.40
C GLN C 27 10.93 26.82 21.73
N GLN C 28 9.69 27.29 21.88
CA GLN C 28 8.94 27.04 23.11
C GLN C 28 8.02 25.81 23.06
N LEU C 29 8.02 25.08 21.94
CA LEU C 29 7.14 23.92 21.79
C LEU C 29 7.51 22.75 22.71
N GLU C 30 8.80 22.46 22.89
CA GLU C 30 9.21 21.28 23.64
C GLU C 30 8.88 21.39 25.14
N PRO C 31 9.23 22.49 25.80
CA PRO C 31 8.78 22.72 27.18
C PRO C 31 7.26 22.67 27.32
N PHE C 32 6.53 23.20 26.34
CA PHE C 32 5.06 23.11 26.38
C PHE C 32 4.57 21.67 26.26
N LEU C 33 5.17 20.88 25.37
CA LEU C 33 4.70 19.52 25.19
C LEU C 33 5.00 18.71 26.44
N LYS C 34 6.15 18.96 27.07
CA LYS C 34 6.51 18.23 28.28
C LYS C 34 5.58 18.58 29.45
N ARG C 35 5.14 19.84 29.52
CA ARG C 35 4.15 20.24 30.52
C ARG C 35 2.80 19.59 30.28
N PHE C 36 2.41 19.50 29.01
CA PHE C 36 1.14 18.89 28.66
C PHE C 36 1.11 17.40 29.05
N LEU C 37 2.16 16.69 28.65
CA LEU C 37 2.30 15.27 28.97
C LEU C 37 2.44 15.01 30.49
N ALA C 38 3.13 15.90 31.20
CA ALA C 38 3.21 15.81 32.67
C ALA C 38 1.81 15.88 33.29
N SER C 39 0.96 16.74 32.76
CA SER C 39 -0.42 16.85 33.23
C SER C 39 -1.25 15.57 33.00
N LEU C 40 -0.94 14.84 31.94
CA LEU C 40 -1.58 13.55 31.70
C LEU C 40 -1.05 12.45 32.63
N ASP C 41 0.24 12.56 32.98
CA ASP C 41 0.95 11.57 33.78
C ASP C 41 0.94 11.87 35.30
N LEU C 42 0.12 12.83 35.71
CA LEU C 42 0.10 13.32 37.08
C LEU C 42 -0.25 12.25 38.13
N LEU C 43 0.65 12.07 39.10
CA LEU C 43 0.45 11.15 40.21
C LEU C 43 -0.40 11.83 41.29
N TYR C 44 -1.47 11.16 41.72
CA TYR C 44 -2.36 11.70 42.74
C TYR C 44 -1.70 11.59 44.13
N THR C 45 -1.68 12.71 44.85
CA THR C 45 -1.32 12.73 46.28
C THR C 45 -2.25 13.65 47.08
N GLN C 46 -2.51 13.31 48.33
CA GLN C 46 -3.21 14.24 49.24
C GLN C 46 -2.31 14.67 50.40
N PRO C 47 -2.44 15.94 50.78
CA PRO C 47 -1.69 16.49 51.90
C PRO C 47 -1.99 15.78 53.23
N THR C 48 -3.27 15.46 53.46
CA THR C 48 -3.71 14.77 54.69
C THR C 48 -4.49 13.49 54.42
N SER C 49 -4.72 12.72 55.48
CA SER C 49 -5.52 11.50 55.40
C SER C 49 -7.02 11.81 55.45
N GLN C 50 -7.73 11.45 54.39
CA GLN C 50 -9.17 11.71 54.27
C GLN C 50 -9.93 10.42 53.95
N PRO C 51 -11.20 10.32 54.35
CA PRO C 51 -11.99 9.12 54.08
C PRO C 51 -12.10 8.81 52.59
N PHE C 52 -12.19 9.85 51.76
CA PHE C 52 -12.33 9.70 50.31
C PHE C 52 -11.41 10.69 49.56
N PRO C 53 -10.94 10.30 48.38
CA PRO C 53 -10.02 11.15 47.61
C PRO C 53 -10.68 12.39 47.02
N ASN C 54 -9.91 13.48 46.92
CA ASN C 54 -10.39 14.71 46.29
C ASN C 54 -10.27 14.61 44.78
N VAL C 55 -11.33 14.09 44.18
CA VAL C 55 -11.34 13.78 42.76
C VAL C 55 -11.29 15.04 41.91
N GLU C 56 -12.09 16.04 42.26
CA GLU C 56 -12.20 17.25 41.46
C GLU C 56 -10.87 17.97 41.32
N SER C 57 -10.13 18.13 42.41
CA SER C 57 -8.85 18.85 42.35
C SER C 57 -7.78 18.07 41.56
N TYR C 58 -7.88 16.75 41.51
CA TYR C 58 -6.95 15.95 40.70
C TYR C 58 -7.36 15.96 39.22
N ALA C 59 -8.61 15.60 38.97
CA ALA C 59 -9.12 15.46 37.61
C ALA C 59 -9.04 16.75 36.79
N THR C 60 -9.22 17.91 37.43
CA THR C 60 -9.21 19.18 36.68
C THR C 60 -7.82 19.62 36.28
N GLN C 61 -6.78 18.99 36.84
CA GLN C 61 -5.41 19.23 36.40
C GLN C 61 -5.00 18.40 35.16
N LEU C 62 -5.75 17.34 34.84
CA LEU C 62 -5.41 16.45 33.72
C LEU C 62 -5.67 17.15 32.39
N GLY C 63 -4.64 17.27 31.55
CA GLY C 63 -4.75 18.00 30.30
C GLY C 63 -5.30 19.42 30.50
N SER C 64 -4.81 20.08 31.54
CA SER C 64 -5.32 21.40 31.93
C SER C 64 -5.15 22.49 30.86
N ASN C 65 -4.22 22.32 29.93
CA ASN C 65 -4.04 23.27 28.82
C ASN C 65 -5.12 23.19 27.72
N LEU C 66 -6.00 22.20 27.78
CA LEU C 66 -7.11 22.12 26.84
C LEU C 66 -8.11 23.24 27.10
N LYS C 67 -8.73 23.71 26.03
CA LYS C 67 -9.86 24.63 26.13
C LYS C 67 -11.13 23.83 26.47
N ARG C 68 -12.10 24.54 27.06
CA ARG C 68 -13.40 23.97 27.44
C ARG C 68 -14.10 23.27 26.30
N SER C 69 -14.12 23.92 25.13
CA SER C 69 -14.79 23.38 23.95
C SER C 69 -13.80 22.90 22.89
N SER C 70 -12.68 22.34 23.32
CA SER C 70 -11.71 21.80 22.37
C SER C 70 -12.28 20.55 21.70
N ALA C 71 -11.94 20.37 20.43
CA ALA C 71 -12.25 19.14 19.73
C ALA C 71 -11.25 18.06 20.14
N ILE C 72 -11.74 16.94 20.69
CA ILE C 72 -10.87 15.89 21.22
C ILE C 72 -11.26 14.55 20.60
N ILE C 73 -10.26 13.84 20.10
CA ILE C 73 -10.46 12.53 19.50
C ILE C 73 -9.42 11.57 20.07
N VAL C 74 -9.87 10.42 20.55
CA VAL C 74 -8.97 9.38 21.06
C VAL C 74 -9.25 8.05 20.35
N ASN C 75 -8.19 7.50 19.73
CA ASN C 75 -8.26 6.33 18.85
C ASN C 75 -9.47 6.35 17.93
N GLY C 76 -9.66 7.46 17.23
CA GLY C 76 -10.67 7.58 16.22
C GLY C 76 -12.04 7.99 16.74
N GLN C 77 -12.21 8.01 18.06
CA GLN C 77 -13.53 8.31 18.65
C GLN C 77 -13.59 9.72 19.26
N PRO C 78 -14.48 10.56 18.74
CA PRO C 78 -14.60 11.94 19.23
C PRO C 78 -15.32 12.00 20.56
N ILE C 79 -14.93 12.96 21.38
CA ILE C 79 -15.70 13.36 22.55
C ILE C 79 -16.78 14.37 22.07
N ILE C 80 -18.03 14.06 22.38
CA ILE C 80 -19.17 14.83 21.88
C ILE C 80 -19.76 15.60 23.07
N PRO C 81 -19.92 16.92 22.93
CA PRO C 81 -20.55 17.71 24.01
C PRO C 81 -21.96 17.23 24.36
N SER C 82 -22.28 17.21 25.64
CA SER C 82 -23.64 16.98 26.12
C SER C 82 -24.16 18.25 26.78
N PRO C 83 -25.48 18.40 26.92
CA PRO C 83 -26.02 19.56 27.63
C PRO C 83 -25.51 19.70 29.08
N GLN C 84 -25.00 18.62 29.67
CA GLN C 84 -24.49 18.68 31.05
C GLN C 84 -22.95 18.80 31.16
N GLU C 85 -22.21 18.40 30.12
CA GLU C 85 -20.74 18.35 30.19
C GLU C 85 -20.07 18.80 28.89
N ASP C 86 -19.13 19.74 29.01
CA ASP C 86 -18.34 20.18 27.87
C ASP C 86 -17.24 19.18 27.59
N CYS C 87 -16.53 19.39 26.50
CA CYS C 87 -15.57 18.42 26.00
C CYS C 87 -14.42 18.17 26.96
N LYS C 88 -13.89 19.26 27.54
CA LYS C 88 -12.75 19.16 28.45
C LYS C 88 -13.11 18.31 29.68
N LEU C 89 -14.28 18.56 30.25
CA LEU C 89 -14.73 17.84 31.44
C LEU C 89 -14.95 16.35 31.15
N GLN C 90 -15.56 16.07 30.01
CA GLN C 90 -15.77 14.68 29.59
C GLN C 90 -14.44 13.97 29.44
N PHE C 91 -13.47 14.64 28.85
CA PHE C 91 -12.15 14.03 28.62
C PHE C 91 -11.44 13.77 29.95
N GLN C 92 -11.54 14.73 30.85
CA GLN C 92 -10.88 14.60 32.16
C GLN C 92 -11.46 13.40 32.92
N LYS C 93 -12.78 13.24 32.84
CA LYS C 93 -13.45 12.15 33.54
C LYS C 93 -13.13 10.79 32.92
N LYS C 94 -12.96 10.75 31.59
CA LYS C 94 -12.52 9.54 30.91
C LYS C 94 -11.04 9.20 31.22
N TRP C 95 -10.19 10.24 31.23
CA TRP C 95 -8.74 10.04 31.43
C TRP C 95 -8.47 9.63 32.88
N LEU C 96 -9.29 10.14 33.80
CA LEU C 96 -9.23 9.77 35.21
C LEU C 96 -9.36 8.26 35.44
N GLN C 97 -10.11 7.59 34.58
CA GLN C 97 -10.34 6.15 34.68
C GLN C 97 -9.29 5.26 33.99
N THR C 98 -8.35 5.87 33.28
CA THR C 98 -7.23 5.13 32.73
C THR C 98 -6.21 4.85 33.85
N PRO C 99 -5.46 3.77 33.74
CA PRO C 99 -4.35 3.54 34.67
C PRO C 99 -3.31 4.66 34.53
N LEU C 100 -2.56 4.92 35.59
CA LEU C 100 -1.52 5.93 35.55
C LEU C 100 -0.62 5.72 34.33
N SER C 101 -0.35 6.80 33.63
CA SER C 101 0.48 6.80 32.42
C SER C 101 1.84 7.43 32.66
N SER C 102 2.79 7.09 31.78
CA SER C 102 4.10 7.71 31.72
C SER C 102 4.49 7.85 30.26
N HIS C 103 4.51 9.09 29.76
CA HIS C 103 4.83 9.41 28.35
C HIS C 103 6.28 9.87 28.25
N GLN C 104 6.93 9.51 27.15
CA GLN C 104 8.24 10.00 26.79
C GLN C 104 8.18 10.54 25.35
N LEU C 105 8.41 11.84 25.18
CA LEU C 105 8.42 12.49 23.87
C LEU C 105 9.58 11.97 23.03
N THR C 106 9.33 11.53 21.80
CA THR C 106 10.41 11.01 20.93
C THR C 106 10.61 11.80 19.63
N SER C 107 9.61 12.55 19.20
CA SER C 107 9.77 13.45 18.05
C SER C 107 8.68 14.51 18.09
N TYR C 108 8.98 15.69 17.55
CA TYR C 108 7.94 16.71 17.33
C TYR C 108 8.33 17.66 16.22
N ASP C 109 7.31 18.24 15.60
CA ASP C 109 7.47 19.21 14.53
C ASP C 109 6.28 20.15 14.66
N GLY C 110 6.39 21.35 14.13
CA GLY C 110 5.29 22.29 14.23
C GLY C 110 5.35 23.35 13.16
N HIS C 111 4.17 23.77 12.69
CA HIS C 111 4.03 24.83 11.70
C HIS C 111 3.17 25.93 12.28
N LEU C 112 3.67 27.15 12.24
CA LEU C 112 2.87 28.35 12.52
C LEU C 112 2.09 28.73 11.27
N ILE C 113 0.76 28.68 11.34
CA ILE C 113 -0.08 28.89 10.17
C ILE C 113 -0.38 30.39 10.04
N PRO C 114 0.12 31.04 8.98
CA PRO C 114 0.02 32.50 8.87
C PRO C 114 -1.41 33.00 9.00
N GLY C 115 -1.57 34.11 9.71
CA GLY C 115 -2.86 34.76 9.86
C GLY C 115 -3.84 34.14 10.86
N THR C 116 -3.49 33.00 11.47
CA THR C 116 -4.43 32.30 12.36
C THR C 116 -4.16 32.45 13.85
N GLY C 117 -2.93 32.83 14.22
CA GLY C 117 -2.52 32.81 15.60
C GLY C 117 -2.44 31.41 16.21
N THR C 118 -2.26 30.38 15.39
CA THR C 118 -2.15 29.00 15.88
C THR C 118 -0.99 28.22 15.28
N PHE C 119 -0.49 27.28 16.09
CA PHE C 119 0.42 26.24 15.66
C PHE C 119 -0.34 24.96 15.39
N VAL C 120 0.08 24.24 14.35
CA VAL C 120 -0.19 22.82 14.23
C VAL C 120 1.06 22.12 14.76
N VAL C 121 0.87 21.22 15.72
CA VAL C 121 1.97 20.50 16.33
C VAL C 121 1.71 19.01 16.17
N HIS C 122 2.63 18.34 15.49
CA HIS C 122 2.53 16.92 15.23
C HIS C 122 3.68 16.23 15.97
N PHE C 123 3.37 15.44 16.99
CA PHE C 123 4.41 14.78 17.77
C PHE C 123 4.13 13.31 18.02
N SER C 124 5.19 12.58 18.38
CA SER C 124 5.08 11.18 18.71
C SER C 124 5.69 10.94 20.07
N ALA C 125 5.22 9.90 20.72
CA ALA C 125 5.74 9.52 22.02
C ALA C 125 5.60 8.02 22.23
N LYS C 126 6.34 7.52 23.21
CA LYS C 126 6.03 6.23 23.78
C LYS C 126 5.35 6.43 25.13
N VAL C 127 4.44 5.53 25.47
CA VAL C 127 3.68 5.64 26.72
C VAL C 127 3.51 4.24 27.33
N ARG C 128 3.66 4.14 28.64
CA ARG C 128 3.38 2.89 29.35
C ARG C 128 2.48 3.16 30.53
N PHE C 129 1.82 2.11 31.02
CA PHE C 129 0.76 2.23 32.01
C PHE C 129 1.00 1.32 33.21
N ASP C 130 0.44 1.74 34.33
CA ASP C 130 0.53 1.03 35.58
C ASP C 130 -0.30 -0.28 35.50
N GLN C 131 0.37 -1.42 35.73
CA GLN C 131 -0.26 -2.76 35.72
C GLN C 131 -0.65 -3.25 37.12
N SER C 132 -0.49 -2.41 38.14
CA SER C 132 -0.72 -2.81 39.52
C SER C 132 -2.16 -3.23 39.83
N GLY C 133 -3.13 -2.79 39.02
CA GLY C 133 -4.54 -2.96 39.33
C GLY C 133 -5.16 -1.77 40.06
N ARG C 134 -4.34 -0.86 40.58
CA ARG C 134 -4.85 0.37 41.18
C ARG C 134 -5.20 1.39 40.10
N ASN C 135 -6.29 2.12 40.35
CA ASN C 135 -6.63 3.29 39.55
C ASN C 135 -5.79 4.50 40.00
N ARG C 136 -5.96 5.63 39.32
CA ARG C 136 -5.14 6.80 39.59
C ARG C 136 -5.31 7.34 41.02
N LEU C 137 -6.45 7.06 41.64
CA LEU C 137 -6.70 7.49 43.02
C LEU C 137 -6.19 6.47 44.07
N GLY C 138 -5.54 5.41 43.62
CA GLY C 138 -4.95 4.42 44.51
C GLY C 138 -5.86 3.26 44.89
N GLU C 139 -7.08 3.21 44.36
CA GLU C 139 -8.06 2.18 44.73
C GLU C 139 -7.99 0.99 43.76
N SER C 140 -8.19 -0.21 44.29
CA SER C 140 -8.32 -1.40 43.45
C SER C 140 -9.66 -2.10 43.67
N ALA C 141 -10.14 -2.78 42.62
CA ALA C 141 -11.43 -3.45 42.63
C ALA C 141 -11.28 -4.94 42.87
N ASP C 142 -10.68 -5.28 44.00
CA ASP C 142 -10.21 -6.64 44.26
C ASP C 142 -10.94 -7.34 45.41
N LEU C 143 -12.17 -6.93 45.71
CA LEU C 143 -12.90 -7.45 46.86
C LEU C 143 -13.13 -8.95 46.76
N PHE C 144 -13.46 -9.42 45.57
CA PHE C 144 -13.62 -10.83 45.28
C PHE C 144 -12.36 -11.38 44.55
N GLN C 145 -11.20 -11.25 45.19
CA GLN C 145 -9.94 -11.74 44.63
C GLN C 145 -9.01 -12.19 45.76
N GLN C 156 2.05 1.02 46.74
CA GLN C 156 1.56 2.30 46.25
C GLN C 156 2.44 2.87 45.13
N ARG C 157 3.42 2.07 44.69
CA ARG C 157 4.28 2.44 43.56
C ARG C 157 3.85 1.69 42.28
N PRO C 158 3.76 2.40 41.16
CA PRO C 158 3.31 1.78 39.90
C PRO C 158 4.27 0.71 39.37
N ILE C 159 3.69 -0.29 38.71
CA ILE C 159 4.42 -1.33 38.00
C ILE C 159 4.12 -1.11 36.53
N TRP C 160 5.12 -0.61 35.78
CA TRP C 160 4.92 -0.23 34.38
C TRP C 160 4.89 -1.42 33.45
N GLY C 161 3.98 -1.38 32.49
CA GLY C 161 3.94 -2.36 31.41
C GLY C 161 4.87 -1.98 30.28
N SER C 162 4.72 -2.67 29.16
CA SER C 162 5.50 -2.42 27.94
C SER C 162 5.08 -1.13 27.27
N TRP C 163 5.99 -0.58 26.46
CA TRP C 163 5.75 0.70 25.78
C TRP C 163 4.72 0.55 24.64
N PHE C 164 3.76 1.46 24.62
CA PHE C 164 2.87 1.69 23.49
C PHE C 164 3.50 2.80 22.62
N GLY C 165 3.17 2.83 21.34
CA GLY C 165 3.44 4.00 20.53
C GLY C 165 2.21 4.88 20.45
N VAL C 166 2.41 6.19 20.41
CA VAL C 166 1.32 7.15 20.20
C VAL C 166 1.72 8.27 19.20
N ASP C 167 0.78 8.63 18.35
CA ASP C 167 0.88 9.78 17.45
C ASP C 167 -0.17 10.81 17.90
N VAL C 168 0.25 12.06 18.05
CA VAL C 168 -0.59 13.11 18.56
C VAL C 168 -0.49 14.35 17.68
N ASN C 169 -1.64 14.91 17.33
CA ASN C 169 -1.70 16.19 16.64
C ASN C 169 -2.50 17.19 17.48
N LEU C 170 -1.90 18.34 17.75
CA LEU C 170 -2.52 19.44 18.50
C LEU C 170 -2.59 20.70 17.64
N VAL C 171 -3.67 21.47 17.78
CA VAL C 171 -3.74 22.83 17.26
C VAL C 171 -3.79 23.72 18.49
N VAL C 172 -2.79 24.59 18.64
CA VAL C 172 -2.60 25.37 19.86
C VAL C 172 -2.34 26.84 19.55
N ASP C 173 -2.84 27.73 20.41
CA ASP C 173 -2.58 29.16 20.27
C ASP C 173 -1.06 29.41 20.30
N GLU C 174 -0.61 30.40 19.54
CA GLU C 174 0.82 30.63 19.32
C GLU C 174 1.62 30.92 20.57
N ASN C 175 1.04 31.63 21.54
CA ASN C 175 1.75 31.85 22.81
C ASN C 175 1.60 30.63 23.70
N VAL C 176 2.55 29.72 23.54
CA VAL C 176 2.45 28.36 24.00
C VAL C 176 2.96 28.19 25.44
N MSE C 177 3.67 29.20 25.96
CA MSE C 177 4.14 29.14 27.34
C MSE C 177 3.16 29.77 28.34
O MSE C 177 3.57 30.30 29.38
CB MSE C 177 5.54 29.77 27.46
CG MSE C 177 6.58 29.03 26.63
SE MSE C 177 6.79 27.10 27.05
CE MSE C 177 8.16 27.37 28.55
N GLN C 178 1.87 29.67 28.04
CA GLN C 178 0.81 30.10 28.93
C GLN C 178 0.40 28.92 29.82
N ASP C 179 0.01 29.23 31.05
CA ASP C 179 -0.47 28.21 31.99
C ASP C 179 -1.92 27.82 31.69
N GLY C 180 -2.55 28.47 30.71
CA GLY C 180 -3.99 28.43 30.56
C GLY C 180 -4.53 27.54 29.46
N GLU C 181 -5.77 27.81 29.09
CA GLU C 181 -6.50 27.09 28.05
C GLU C 181 -6.03 27.53 26.66
N ILE C 182 -5.11 26.78 26.07
CA ILE C 182 -4.55 27.13 24.77
C ILE C 182 -4.73 26.09 23.64
N ILE C 183 -5.07 24.85 23.97
CA ILE C 183 -5.20 23.81 22.96
C ILE C 183 -6.62 23.78 22.38
N ASN C 184 -6.72 24.06 21.09
CA ASN C 184 -7.99 24.05 20.33
C ASN C 184 -8.48 22.66 19.95
N SER C 185 -7.54 21.77 19.61
CA SER C 185 -7.90 20.39 19.32
C SER C 185 -6.76 19.44 19.66
N MSE C 186 -7.15 18.22 20.00
CA MSE C 186 -6.20 17.14 20.22
C MSE C 186 -6.69 15.85 19.60
O MSE C 186 -7.82 15.43 19.84
CB MSE C 186 -6.01 16.91 21.72
CG MSE C 186 -5.31 15.60 22.03
SE MSE C 186 -5.07 15.36 23.93
CE MSE C 186 -6.74 15.56 24.59
N ASP C 187 -5.82 15.22 18.83
CA ASP C 187 -6.07 13.94 18.21
C ASP C 187 -4.97 13.00 18.70
N TYR C 188 -5.36 12.02 19.50
CA TYR C 188 -4.45 11.11 20.20
C TYR C 188 -4.70 9.70 19.70
N ARG C 189 -3.70 9.06 19.08
CA ARG C 189 -3.86 7.78 18.42
C ARG C 189 -2.76 6.80 18.77
N PHE C 190 -3.10 5.68 19.43
CA PHE C 190 -2.17 4.55 19.54
C PHE C 190 -1.77 4.03 18.14
N THR C 191 -0.46 3.87 17.96
CA THR C 191 0.11 3.34 16.71
C THR C 191 0.59 1.91 16.89
N TYR C 192 0.87 1.55 18.14
CA TYR C 192 1.33 0.21 18.49
C TYR C 192 0.90 -0.11 19.91
N VAL C 193 0.26 -1.26 20.07
CA VAL C 193 -0.24 -1.77 21.34
C VAL C 193 0.42 -3.12 21.57
N PRO C 194 1.27 -3.24 22.59
CA PRO C 194 1.99 -4.48 22.84
C PRO C 194 1.05 -5.54 23.42
N ASN C 195 1.37 -6.81 23.24
CA ASN C 195 0.56 -7.91 23.79
C ASN C 195 0.60 -7.99 25.33
N ASP C 196 -0.37 -7.33 25.96
CA ASP C 196 -0.61 -7.36 27.41
C ASP C 196 -1.33 -6.09 27.87
N ASP D 12 -20.73 15.92 3.96
CA ASP D 12 -19.84 15.23 2.99
C ASP D 12 -18.38 15.50 3.31
N SER D 13 -18.10 15.87 4.56
CA SER D 13 -16.73 16.16 4.99
C SER D 13 -15.90 14.88 5.09
N ARG D 14 -16.52 13.79 5.52
CA ARG D 14 -15.85 12.49 5.65
C ARG D 14 -15.57 11.88 4.26
N ASN D 15 -16.50 12.08 3.32
CA ASN D 15 -16.32 11.64 1.93
C ASN D 15 -15.27 12.46 1.19
N LEU D 16 -15.25 13.76 1.45
CA LEU D 16 -14.26 14.66 0.87
C LEU D 16 -12.85 14.18 1.26
N ALA D 17 -12.67 13.83 2.53
CA ALA D 17 -11.36 13.46 3.06
C ALA D 17 -10.91 12.11 2.50
N THR D 18 -11.83 11.16 2.47
CA THR D 18 -11.59 9.83 1.91
C THR D 18 -11.12 9.88 0.46
N ASN D 19 -11.82 10.65 -0.37
CA ASN D 19 -11.45 10.89 -1.75
C ASN D 19 -10.13 11.67 -1.91
N PHE D 20 -9.92 12.68 -1.07
CA PHE D 20 -8.69 13.47 -1.12
C PHE D 20 -7.48 12.54 -0.89
N ILE D 21 -7.58 11.71 0.14
CA ILE D 21 -6.49 10.82 0.53
C ILE D 21 -6.24 9.77 -0.55
N ALA D 22 -7.30 9.18 -1.10
CA ALA D 22 -7.15 8.16 -2.13
C ALA D 22 -6.45 8.73 -3.35
N ASN D 23 -6.92 9.89 -3.84
CA ASN D 23 -6.28 10.57 -4.95
C ASN D 23 -4.86 11.04 -4.64
N TYR D 24 -4.63 11.48 -3.40
CA TYR D 24 -3.33 12.02 -3.04
C TYR D 24 -2.31 10.91 -3.08
N LEU D 25 -2.64 9.77 -2.46
CA LEU D 25 -1.71 8.63 -2.44
C LEU D 25 -1.47 8.03 -3.82
N LYS D 26 -2.47 8.03 -4.69
CA LYS D 26 -2.27 7.49 -6.03
C LYS D 26 -1.17 8.30 -6.76
N LEU D 27 -1.24 9.63 -6.66
CA LEU D 27 -0.24 10.49 -7.31
C LEU D 27 1.08 10.49 -6.55
N TRP D 28 1.03 10.41 -5.22
CA TRP D 28 2.22 10.30 -4.37
C TRP D 28 3.07 9.06 -4.74
N ASP D 29 2.39 7.98 -5.08
CA ASP D 29 3.04 6.76 -5.53
C ASP D 29 3.49 6.87 -7.00
N ALA D 30 2.72 7.53 -7.87
CA ALA D 30 2.95 7.48 -9.32
C ALA D 30 3.68 8.66 -9.92
N ASN D 31 3.28 9.88 -9.55
CA ASN D 31 3.90 11.09 -10.09
C ASN D 31 3.66 12.29 -9.15
N ARG D 32 4.66 12.59 -8.34
CA ARG D 32 4.50 13.62 -7.32
C ARG D 32 4.37 15.02 -7.88
N SER D 33 4.87 15.26 -9.09
CA SER D 33 4.73 16.59 -9.69
C SER D 33 3.26 17.00 -9.92
N GLU D 34 2.38 16.02 -10.19
CA GLU D 34 0.94 16.28 -10.34
C GLU D 34 0.23 16.75 -9.08
N LEU D 35 0.85 16.58 -7.91
CA LEU D 35 0.31 17.08 -6.65
C LEU D 35 0.53 18.56 -6.43
N MSE D 36 1.43 19.17 -7.20
CA MSE D 36 2.00 20.47 -6.80
C MSE D 36 1.03 21.63 -6.90
O MSE D 36 1.21 22.66 -6.24
CB MSE D 36 3.31 20.75 -7.57
CG MSE D 36 4.47 19.80 -7.19
SE MSE D 36 4.60 19.29 -5.29
CE MSE D 36 4.71 21.06 -4.50
N ILE D 37 -0.03 21.46 -7.68
CA ILE D 37 -1.10 22.44 -7.74
C ILE D 37 -1.77 22.68 -6.36
N LEU D 38 -1.70 21.68 -5.48
CA LEU D 38 -2.23 21.79 -4.10
C LEU D 38 -1.44 22.74 -3.19
N TYR D 39 -0.18 22.97 -3.51
CA TYR D 39 0.70 23.78 -2.67
C TYR D 39 0.94 25.16 -3.29
N GLN D 40 0.65 26.21 -2.53
CA GLN D 40 0.78 27.59 -2.99
C GLN D 40 1.82 28.32 -2.13
N ASN D 41 1.90 29.65 -2.24
CA ASN D 41 3.04 30.40 -1.69
C ASN D 41 3.27 30.30 -0.19
N GLU D 42 2.18 30.22 0.58
CA GLU D 42 2.25 30.16 2.04
C GLU D 42 2.24 28.73 2.59
N SER D 43 2.02 27.74 1.74
CA SER D 43 1.98 26.33 2.16
C SER D 43 3.29 25.88 2.79
N GLN D 44 3.22 25.00 3.77
CA GLN D 44 4.36 24.50 4.54
C GLN D 44 4.41 22.97 4.57
N PHE D 45 5.59 22.42 4.35
CA PHE D 45 5.81 20.98 4.48
C PHE D 45 7.09 20.69 5.27
N SER D 46 7.01 19.72 6.17
CA SER D 46 8.21 19.12 6.73
C SER D 46 7.98 17.67 7.11
N MSE D 47 9.08 16.96 7.24
CA MSE D 47 9.08 15.55 7.53
C MSE D 47 9.98 15.30 8.72
O MSE D 47 11.03 15.92 8.84
CB MSE D 47 9.59 14.77 6.31
CG MSE D 47 9.71 13.25 6.51
SE MSE D 47 11.46 12.74 7.19
CE MSE D 47 12.57 13.64 5.90
N GLN D 48 9.55 14.40 9.61
CA GLN D 48 10.30 14.07 10.82
C GLN D 48 10.45 12.55 10.93
N VAL D 49 11.62 12.10 11.39
CA VAL D 49 11.85 10.69 11.63
C VAL D 49 11.81 10.42 13.13
N ASP D 50 10.96 9.48 13.54
CA ASP D 50 10.99 8.94 14.91
C ASP D 50 11.57 7.53 14.88
N SER D 51 12.89 7.42 15.01
CA SER D 51 13.56 6.13 14.93
C SER D 51 13.41 5.32 16.23
N SER D 52 13.04 5.98 17.33
CA SER D 52 12.81 5.30 18.62
C SER D 52 11.35 4.85 18.81
N HIS D 53 10.53 4.97 17.77
CA HIS D 53 9.11 4.65 17.92
C HIS D 53 8.90 3.16 18.17
N PRO D 54 8.10 2.80 19.18
CA PRO D 54 7.81 1.40 19.49
C PRO D 54 7.14 0.65 18.33
N HIS D 55 7.47 -0.62 18.17
CA HIS D 55 6.95 -1.45 17.08
C HIS D 55 7.13 -2.96 17.27
N LEU D 56 7.98 -3.39 18.21
CA LEU D 56 8.44 -4.79 18.37
C LEU D 56 8.09 -5.71 17.20
N SER D 65 14.19 -8.21 15.22
CA SER D 65 15.61 -8.05 14.92
C SER D 65 15.79 -7.19 13.67
N GLY D 66 16.98 -6.59 13.56
CA GLY D 66 17.29 -5.62 12.52
C GLY D 66 16.90 -4.22 12.97
N SER D 67 17.77 -3.26 12.76
CA SER D 67 17.43 -1.86 12.98
C SER D 67 17.16 -1.18 11.63
N THR D 68 16.07 -0.44 11.55
CA THR D 68 15.67 0.24 10.32
C THR D 68 16.68 1.31 9.91
N ASP D 69 17.07 1.28 8.65
CA ASP D 69 17.97 2.28 8.09
C ASP D 69 17.17 3.44 7.52
N PHE D 70 17.19 4.57 8.23
CA PHE D 70 16.48 5.77 7.81
C PHE D 70 17.35 6.74 6.99
N GLY D 71 18.43 6.23 6.38
CA GLY D 71 19.40 7.08 5.70
C GLY D 71 18.86 8.07 4.66
N TYR D 72 17.83 7.70 3.90
CA TYR D 72 17.28 8.62 2.90
C TYR D 72 16.48 9.76 3.55
N TYR D 73 16.10 9.59 4.82
CA TYR D 73 15.25 10.55 5.51
C TYR D 73 15.97 11.41 6.56
N LEU D 74 17.10 10.94 7.07
CA LEU D 74 17.66 11.51 8.30
C LEU D 74 18.21 12.93 8.13
N ASN D 75 18.83 13.22 7.00
CA ASN D 75 19.40 14.54 6.77
C ASN D 75 18.34 15.66 6.71
N ASN D 76 17.17 15.34 6.20
CA ASN D 76 16.06 16.31 6.09
C ASN D 76 15.05 16.23 7.23
N SER D 77 15.29 15.31 8.17
CA SER D 77 14.36 15.07 9.26
C SER D 77 14.26 16.29 10.19
N ARG D 78 13.04 16.75 10.37
CA ARG D 78 12.76 17.87 11.26
C ARG D 78 12.17 17.36 12.59
N ASN D 79 12.71 16.25 13.09
CA ASN D 79 12.49 15.87 14.47
C ASN D 79 13.20 16.92 15.33
N LEU D 80 12.42 17.85 15.88
CA LEU D 80 12.96 19.00 16.62
C LEU D 80 13.55 18.67 18.02
N THR D 81 13.45 17.42 18.47
CA THR D 81 14.23 17.00 19.66
C THR D 81 15.71 16.79 19.33
N ARG D 82 16.02 16.69 18.04
CA ARG D 82 17.34 16.28 17.58
C ARG D 82 18.00 17.27 16.63
N VAL D 83 17.34 18.39 16.33
CA VAL D 83 17.89 19.40 15.43
C VAL D 83 18.09 20.68 16.24
N SER D 84 19.23 21.32 15.99
CA SER D 84 19.92 22.04 17.03
C SER D 84 20.17 23.51 16.69
N SER D 85 20.91 23.77 15.62
CA SER D 85 21.09 25.16 15.18
C SER D 85 19.77 25.71 14.64
N ILE D 86 19.52 27.01 14.86
CA ILE D 86 18.31 27.67 14.39
C ILE D 86 18.23 27.61 12.86
N LYS D 87 19.36 27.86 12.20
CA LYS D 87 19.45 27.80 10.75
C LYS D 87 19.02 26.43 10.22
N ALA D 88 19.49 25.37 10.85
CA ALA D 88 19.18 24.00 10.43
C ALA D 88 17.70 23.67 10.64
N ARG D 89 17.14 24.16 11.74
CA ARG D 89 15.73 23.95 12.07
C ARG D 89 14.80 24.55 11.02
N MSE D 90 15.15 25.74 10.54
CA MSE D 90 14.39 26.41 9.49
C MSE D 90 14.69 25.90 8.10
O MSE D 90 13.82 25.89 7.23
CB MSE D 90 14.62 27.93 9.56
CG MSE D 90 14.21 28.54 10.91
SE MSE D 90 12.53 27.89 11.66
CE MSE D 90 11.35 28.83 10.43
N ALA D 91 15.91 25.42 7.87
CA ALA D 91 16.28 24.85 6.57
C ALA D 91 15.48 23.57 6.24
N LYS D 92 15.04 22.84 7.26
CA LYS D 92 14.25 21.61 7.09
C LYS D 92 12.74 21.84 6.90
N LEU D 93 12.32 23.10 6.95
CA LEU D 93 10.96 23.51 6.65
C LEU D 93 10.94 24.03 5.22
N SER D 94 10.07 23.43 4.39
CA SER D 94 9.87 23.90 3.02
C SER D 94 8.62 24.75 2.94
N ILE D 95 8.76 25.94 2.34
CA ILE D 95 7.66 26.88 2.16
C ILE D 95 7.52 27.22 0.69
N GLY D 96 6.32 27.02 0.16
CA GLY D 96 6.02 27.33 -1.22
C GLY D 96 6.22 26.13 -2.11
N GLN D 97 5.61 26.19 -3.28
CA GLN D 97 5.63 25.09 -4.23
C GLN D 97 7.01 24.54 -4.61
N GLU D 98 7.95 25.43 -4.93
CA GLU D 98 9.27 24.99 -5.40
C GLU D 98 10.05 24.26 -4.29
N GLN D 99 10.07 24.81 -3.09
CA GLN D 99 10.78 24.17 -1.99
C GLN D 99 10.13 22.81 -1.65
N ILE D 100 8.81 22.77 -1.66
CA ILE D 100 8.08 21.57 -1.27
C ILE D 100 8.31 20.45 -2.27
N TYR D 101 8.27 20.78 -3.56
CA TYR D 101 8.54 19.78 -4.58
C TYR D 101 9.96 19.21 -4.46
N LYS D 102 10.93 20.06 -4.15
CA LYS D 102 12.32 19.61 -3.92
C LYS D 102 12.39 18.64 -2.73
N SER D 103 11.61 18.89 -1.69
CA SER D 103 11.57 17.97 -0.55
C SER D 103 10.94 16.64 -0.96
N PHE D 104 9.89 16.68 -1.77
CA PHE D 104 9.22 15.47 -2.23
C PHE D 104 10.14 14.58 -3.09
N GLN D 105 10.99 15.23 -3.90
CA GLN D 105 11.94 14.53 -4.77
C GLN D 105 13.03 13.80 -3.99
N GLN D 106 13.25 14.19 -2.73
CA GLN D 106 14.28 13.57 -1.90
C GLN D 106 13.75 12.43 -1.00
N LEU D 107 12.48 12.08 -1.16
CA LEU D 107 11.88 10.97 -0.43
C LEU D 107 11.76 9.77 -1.35
N PRO D 108 12.08 8.57 -0.85
CA PRO D 108 11.97 7.35 -1.65
C PRO D 108 10.61 7.21 -2.31
N LYS D 109 10.58 6.59 -3.48
CA LYS D 109 9.32 6.33 -4.18
C LYS D 109 8.61 5.16 -3.48
N THR D 110 7.28 5.19 -3.49
CA THR D 110 6.45 4.38 -2.61
C THR D 110 5.31 3.68 -3.30
N ARG D 111 4.79 2.67 -2.60
CA ARG D 111 3.51 2.06 -2.89
C ARG D 111 2.70 1.95 -1.59
N HIS D 112 1.53 2.61 -1.57
CA HIS D 112 0.56 2.56 -0.46
C HIS D 112 -0.66 1.71 -0.83
N ASP D 113 -1.00 0.72 -0.02
CA ASP D 113 -2.08 -0.22 -0.34
C ASP D 113 -3.39 0.15 0.32
N ILE D 114 -3.78 1.42 0.24
CA ILE D 114 -5.00 1.86 0.93
C ILE D 114 -6.28 1.32 0.28
N ILE D 115 -6.25 1.03 -1.02
CA ILE D 115 -7.41 0.44 -1.71
C ILE D 115 -7.50 -1.06 -1.48
N ALA D 116 -6.38 -1.78 -1.67
CA ALA D 116 -6.35 -3.24 -1.53
C ALA D 116 -6.52 -3.70 -0.10
N THR D 117 -5.84 -3.04 0.84
CA THR D 117 -5.89 -3.42 2.25
C THR D 117 -6.16 -2.23 3.16
N PRO D 118 -7.40 -1.74 3.15
CA PRO D 118 -7.74 -0.53 3.93
C PRO D 118 -7.52 -0.67 5.45
N GLU D 119 -7.47 -1.92 5.95
CA GLU D 119 -7.28 -2.20 7.37
C GLU D 119 -5.90 -1.86 7.91
N LEU D 120 -4.92 -1.70 7.02
CA LEU D 120 -3.59 -1.24 7.42
C LEU D 120 -3.54 0.27 7.71
N PHE D 121 -4.63 0.98 7.44
CA PHE D 121 -4.72 2.44 7.57
C PHE D 121 -5.83 2.87 8.50
N SER D 122 -5.61 4.00 9.18
CA SER D 122 -6.67 4.68 9.91
C SER D 122 -6.56 6.20 9.68
N MSE D 123 -7.69 6.88 9.81
CA MSE D 123 -7.77 8.30 9.49
C MSE D 123 -8.72 9.01 10.42
O MSE D 123 -9.78 8.47 10.78
CB MSE D 123 -8.25 8.44 8.04
CG MSE D 123 -8.31 9.88 7.48
SE MSE D 123 -9.20 9.94 5.71
CE MSE D 123 -8.72 8.09 5.06
N GLU D 124 -8.35 10.22 10.83
CA GLU D 124 -9.24 11.13 11.52
C GLU D 124 -9.46 12.35 10.64
N VAL D 125 -10.67 12.90 10.69
CA VAL D 125 -11.00 14.12 9.99
C VAL D 125 -11.88 14.99 10.89
N TYR D 126 -11.48 16.24 11.03
CA TYR D 126 -12.22 17.20 11.84
C TYR D 126 -11.92 18.62 11.37
N LYS D 127 -12.68 19.57 11.88
CA LYS D 127 -12.59 20.95 11.41
C LYS D 127 -11.32 21.62 11.90
N PHE D 128 -10.71 22.41 11.03
CA PHE D 128 -9.72 23.41 11.42
C PHE D 128 -10.50 24.71 11.67
N PRO D 129 -10.47 25.23 12.91
CA PRO D 129 -11.37 26.32 13.31
C PRO D 129 -11.28 27.55 12.39
N THR D 130 -10.09 28.10 12.22
CA THR D 130 -9.87 29.23 11.34
C THR D 130 -9.68 28.76 9.89
N LEU D 131 -9.73 29.70 8.95
CA LEU D 131 -9.54 29.41 7.53
C LEU D 131 -10.59 28.51 6.86
N ASN D 132 -11.66 28.15 7.57
CA ASN D 132 -12.76 27.38 6.99
C ASN D 132 -12.27 26.04 6.39
N GLY D 133 -11.26 25.45 7.01
CA GLY D 133 -10.62 24.25 6.49
C GLY D 133 -10.86 23.01 7.32
N ILE D 134 -10.20 21.92 6.94
CA ILE D 134 -10.29 20.66 7.67
C ILE D 134 -8.92 20.03 7.89
N MSE D 135 -8.80 19.35 9.02
CA MSE D 135 -7.64 18.57 9.38
C MSE D 135 -7.88 17.14 8.96
O MSE D 135 -8.92 16.59 9.31
CB MSE D 135 -7.44 18.55 10.89
CG MSE D 135 -7.17 19.85 11.55
SE MSE D 135 -5.31 20.10 12.10
CE MSE D 135 -4.79 18.57 12.97
N ILE D 136 -6.94 16.54 8.25
CA ILE D 136 -6.96 15.11 7.96
C ILE D 136 -5.64 14.51 8.43
N THR D 137 -5.73 13.44 9.22
CA THR D 137 -4.55 12.74 9.67
C THR D 137 -4.69 11.28 9.27
N LEU D 138 -3.69 10.78 8.57
CA LEU D 138 -3.66 9.40 8.11
C LEU D 138 -2.52 8.65 8.81
N HIS D 139 -2.80 7.42 9.23
CA HIS D 139 -1.81 6.52 9.79
C HIS D 139 -1.75 5.28 8.92
N GLY D 140 -0.55 4.82 8.62
CA GLY D 140 -0.42 3.63 7.82
C GLY D 140 1.00 3.13 7.64
N SER D 141 1.19 2.42 6.54
CA SER D 141 2.49 1.91 6.13
C SER D 141 2.61 2.00 4.62
N PHE D 142 3.84 1.85 4.14
CA PHE D 142 4.12 1.80 2.71
C PHE D 142 5.32 0.91 2.43
N ASP D 143 5.36 0.35 1.24
CA ASP D 143 6.58 -0.24 0.66
C ASP D 143 7.38 0.82 -0.09
N GLU D 144 8.70 0.74 -0.05
CA GLU D 144 9.55 1.55 -0.92
C GLU D 144 9.86 0.76 -2.20
N VAL D 145 9.70 1.41 -3.35
CA VAL D 145 9.85 0.76 -4.65
C VAL D 145 11.00 1.33 -5.49
N ALA D 146 11.56 2.45 -5.06
CA ALA D 146 12.78 3.02 -5.66
C ALA D 146 13.44 4.05 -4.75
N GLN D 147 14.72 4.28 -4.96
CA GLN D 147 15.44 5.33 -4.25
C GLN D 147 14.85 6.68 -4.67
N PRO D 148 15.09 7.73 -3.89
CA PRO D 148 14.60 9.06 -4.27
C PRO D 148 15.18 9.54 -5.61
N GLU D 149 14.40 10.36 -6.33
CA GLU D 149 14.86 10.98 -7.57
C GLU D 149 16.12 11.83 -7.35
N VAL D 150 16.17 12.53 -6.21
CA VAL D 150 17.31 13.34 -5.80
C VAL D 150 17.81 12.86 -4.44
N ASP D 151 19.07 12.46 -4.37
CA ASP D 151 19.65 11.91 -3.13
C ASP D 151 19.89 13.05 -2.14
N GLY D 152 19.20 12.99 -1.00
CA GLY D 152 19.31 13.99 0.05
C GLY D 152 19.92 13.45 1.34
N SER D 153 20.49 12.24 1.29
CA SER D 153 21.11 11.65 2.47
C SER D 153 22.39 12.39 2.90
N LYS D 174 27.40 2.48 3.16
CA LYS D 174 27.46 2.83 1.74
C LYS D 174 26.04 2.91 1.19
N ARG D 175 25.53 1.78 0.71
CA ARG D 175 24.22 1.71 0.08
C ARG D 175 23.09 1.66 1.12
N ILE D 176 22.11 2.54 0.97
CA ILE D 176 20.94 2.52 1.87
C ILE D 176 19.89 1.58 1.28
N PRO D 177 19.49 0.56 2.02
CA PRO D 177 18.48 -0.38 1.51
C PRO D 177 17.09 0.23 1.51
N LEU D 178 16.27 -0.19 0.55
CA LEU D 178 14.84 0.12 0.55
C LEU D 178 14.13 -0.81 1.52
N SER D 179 13.11 -0.29 2.20
CA SER D 179 12.34 -1.09 3.14
C SER D 179 10.94 -0.50 3.39
N LYS D 180 10.03 -1.34 3.87
CA LYS D 180 8.73 -0.88 4.33
C LYS D 180 8.95 0.07 5.51
N LYS D 181 8.08 1.07 5.64
CA LYS D 181 8.07 1.96 6.80
C LYS D 181 6.64 2.19 7.21
N SER D 182 6.42 2.62 8.45
CA SER D 182 5.11 3.11 8.86
C SER D 182 5.17 4.64 8.97
N PHE D 183 4.00 5.29 9.05
CA PHE D 183 3.96 6.74 9.04
C PHE D 183 2.65 7.30 9.56
N ASP D 184 2.70 8.59 9.87
CA ASP D 184 1.54 9.42 10.15
C ASP D 184 1.71 10.73 9.36
N ARG D 185 0.64 11.20 8.74
CA ARG D 185 0.71 12.39 7.90
C ARG D 185 -0.54 13.20 8.16
N THR D 186 -0.34 14.49 8.47
CA THR D 186 -1.41 15.42 8.81
C THR D 186 -1.44 16.55 7.79
N PHE D 187 -2.60 16.79 7.21
CA PHE D 187 -2.82 17.88 6.26
C PHE D 187 -3.82 18.86 6.87
N VAL D 188 -3.54 20.15 6.72
CA VAL D 188 -4.55 21.18 6.86
C VAL D 188 -4.95 21.60 5.44
N VAL D 189 -6.19 21.28 5.06
CA VAL D 189 -6.71 21.51 3.72
C VAL D 189 -7.77 22.62 3.75
N ILE D 190 -7.67 23.55 2.80
CA ILE D 190 -8.45 24.79 2.78
C ILE D 190 -9.24 24.92 1.48
N PRO D 191 -10.43 25.55 1.55
CA PRO D 191 -11.19 25.83 0.32
C PRO D 191 -10.48 26.89 -0.54
N GLY D 192 -10.04 26.49 -1.73
CA GLY D 192 -9.65 27.43 -2.77
C GLY D 192 -10.41 27.40 -4.11
N PRO D 193 -11.58 26.75 -4.19
CA PRO D 193 -12.23 26.53 -5.50
C PRO D 193 -12.26 27.76 -6.44
N SER D 196 -11.45 23.27 -6.16
CA SER D 196 -10.02 23.18 -5.91
C SER D 196 -9.74 23.23 -4.41
N MSE D 197 -8.56 22.75 -4.03
CA MSE D 197 -8.16 22.74 -2.63
C MSE D 197 -6.68 23.07 -2.45
O MSE D 197 -5.86 22.72 -3.29
CB MSE D 197 -8.48 21.39 -2.02
CG MSE D 197 -9.98 21.21 -1.79
SE MSE D 197 -10.38 19.54 -0.97
CE MSE D 197 -9.48 18.42 -2.23
N ILE D 198 -6.38 23.76 -1.35
CA ILE D 198 -5.02 24.12 -1.00
C ILE D 198 -4.60 23.43 0.29
N VAL D 199 -3.46 22.74 0.24
CA VAL D 199 -2.82 22.21 1.44
C VAL D 199 -2.00 23.34 2.07
N ALA D 200 -2.53 23.92 3.15
CA ALA D 200 -1.81 24.95 3.91
C ALA D 200 -0.65 24.37 4.72
N SER D 201 -0.83 23.18 5.27
CA SER D 201 0.20 22.54 6.10
C SER D 201 0.19 21.03 5.92
N ASP D 202 1.38 20.44 5.96
CA ASP D 202 1.57 19.03 5.64
C ASP D 202 2.80 18.58 6.45
N THR D 203 2.59 17.67 7.41
CA THR D 203 3.70 17.15 8.23
C THR D 203 3.68 15.63 8.12
N LEU D 204 4.83 15.06 7.79
CA LEU D 204 4.98 13.63 7.56
C LEU D 204 5.92 13.04 8.61
N LEU D 205 5.43 12.06 9.38
CA LEU D 205 6.23 11.40 10.40
C LEU D 205 6.54 9.99 9.92
N ILE D 206 7.82 9.64 9.91
CA ILE D 206 8.30 8.37 9.40
C ILE D 206 8.87 7.59 10.57
N ARG D 207 8.51 6.31 10.66
CA ARG D 207 8.89 5.46 11.80
C ARG D 207 9.04 4.00 11.38
N PRO D 208 9.59 3.14 12.23
CA PRO D 208 9.72 1.73 11.87
C PRO D 208 8.40 1.04 11.50
N TYR D 209 8.49 0.18 10.49
CA TYR D 209 7.35 -0.61 10.04
C TYR D 209 6.79 -1.44 11.18
N THR D 210 5.48 -1.30 11.41
CA THR D 210 4.78 -2.17 12.35
C THR D 210 3.58 -2.80 11.63
N SER D 211 3.62 -4.13 11.46
CA SER D 211 2.54 -4.87 10.78
C SER D 211 1.36 -5.16 11.71
N ASP D 212 1.60 -5.07 13.01
CA ASP D 212 0.56 -5.30 14.01
C ASP D 212 -0.15 -3.98 14.36
N PHE D 213 -1.03 -3.53 13.46
CA PHE D 213 -1.78 -2.29 13.68
C PHE D 213 -2.77 -2.50 14.86
N PRO D 214 -2.91 -1.49 15.73
CA PRO D 214 -3.76 -1.63 16.91
C PRO D 214 -5.27 -1.47 16.69
N TRP D 215 -5.68 -0.94 15.55
CA TRP D 215 -7.08 -0.51 15.36
C TRP D 215 -7.94 -1.59 14.68
N LYS D 216 -9.26 -1.45 14.85
CA LYS D 216 -10.26 -2.32 14.22
C LYS D 216 -9.92 -3.80 14.34
C1 GOL E . -15.80 -21.95 4.95
O1 GOL E . -14.92 -21.98 3.85
C2 GOL E . -15.00 -22.10 6.23
O2 GOL E . -15.90 -22.49 7.25
C3 GOL E . -14.33 -20.78 6.59
O3 GOL E . -13.21 -21.03 7.42
C1 GOL F . 4.74 0.21 -8.47
O1 GOL F . 5.03 -0.17 -7.15
C2 GOL F . 3.80 -0.78 -9.12
O2 GOL F . 3.20 -0.21 -10.27
C3 GOL F . 2.73 -1.30 -8.18
O3 GOL F . 2.97 -2.67 -7.98
C1 GOL G . -1.83 5.44 41.46
O1 GOL G . -1.94 5.36 40.05
C2 GOL G . -1.41 4.07 41.95
O2 GOL G . -1.63 3.99 43.34
C3 GOL G . 0.06 3.83 41.62
O3 GOL G . 0.23 2.48 41.25
#